data_3WFD
#
_entry.id   3WFD
#
_cell.length_a   90.927
_cell.length_b   106.747
_cell.length_c   196.437
_cell.angle_alpha   90.000
_cell.angle_beta   90.000
_cell.angle_gamma   90.000
#
_symmetry.space_group_name_H-M   'P 21 21 21'
#
loop_
_entity.id
_entity.type
_entity.pdbx_description
1 polymer 'antibody fab fragment light chain'
2 polymer 'antibody fab fragment heavy chain'
3 polymer 'Nitric oxide reductase subunit B'
4 polymer 'Nitric oxide reductase subunit C'
5 non-polymer 'PROTOPORPHYRIN IX CONTAINING FE'
6 non-polymer 'FE (III) ION'
7 non-polymer (1E)-N-hydroxyethanimine
8 non-polymer 'decyl 4-O-alpha-D-glucopyranosyl-1-thio-beta-D-glucopyranoside'
9 non-polymer 'CALCIUM ION'
10 non-polymer 'HEME C'
11 water water
#
loop_
_entity_poly.entity_id
_entity_poly.type
_entity_poly.pdbx_seq_one_letter_code
_entity_poly.pdbx_strand_id
1 'polypeptide(L)'
;DIQMTQSPPYLAASPGETITINCRASKSIRKYLAWYQEKPGKTNKLLIYSGSTLQFGIPSRFSGSGSGTEFTLTISSLEP
EDFAMYYCQQHNEYPLTFGAGTKLELKRADAAPTVSIFPPSSEQLTSGGASVVCFLNNFYPKDINVKWKIDGSERQNGVL
NSWTDQDSKDSTYSMSSTLTLTKDEYERHNSYTCEATHKTSTSPIVKSFNRNE
;
L
2 'polypeptide(L)'
;EVQLQQSGTVLARPGASVKMSCKASGYSFTSYWMHWVKQRPGQGLEWIGAVYPGNSDTSYNQKFKGKAKLTAVTSASTAY
MELSSLTNEDSAVYYCSRSSLDGYYVKNWCFDVWGQGTTVTVSSAKTTAPSVYPLAPVCGDTTGSSVTLGCLVKGYFPEP
VTLTWNSGSLSSGVHTFPAVLQSDLYTLSSSVTVTSSTRPSQSITCNVAHPASSTKVDKKIEPRG
;
H
3 'polypeptide(L)'
;MMSPNGSLKFASQAVAKPYFVFALILFVGQILFGLIMGLQYVVGDFLFPAIPFNVARMVHTNLLIVWLLFGFMGAAYYLV
PEESDCELYSPKLAWILFWVFAAAGVLTILGYLLVPYAGLARLTGNELWPTMGREFLEQPTISKAGIVIVALGFLFNVGM
TVLRGRKTAISMVLMTGLIGLALLFLFSFYNPENLTRDKFYWWWVVHLWVEGVWELIMGAILAFVLVKITGVDREVIEKW
LYVIIAMALISGIIGTGHHYFWIGVPGYWLWLGSVFSALEPLPFFAMVLFAFNTINRRRRDYPNRAVALWAMGTTVMAFL
GAGVWGFMHTLAPVNYYTHGTQLTAAHGHMAFYGAYAMIVMTIISYAMPRLRGIGEAMDNRSQVLEMWGFWLMTVAMVFI
TLFLSAAGVLQVWLQRMPADGAAMTFMATQDQLAIFYWLREGAGVVFLIGLVAYLLSFRRGKAAA
;
B
4 'polypeptide(L)'
;MSETFTKGMARNIYFGGSVFFILLFLALTYHTEKTLPERTNEAAMSAAVVRGKLVWEQNNCVGCHTLLGEGAYFAPELGN
VVGRRGGEEGFNTFLQAWMKIQPLNVPGRRAMPQFHLSEGQVDDLAEFLKWSSKIDTNQWPPNKEG
;
C
#
loop_
_chem_comp.id
_chem_comp.type
_chem_comp.name
_chem_comp.formula
10M D-saccharide 'decyl 4-O-alpha-D-glucopyranosyl-1-thio-beta-D-glucopyranoside' 'C22 H42 O10 S'
AXO non-polymer (1E)-N-hydroxyethanimine 'C2 H5 N O'
CA non-polymer 'CALCIUM ION' 'Ca 2'
FE non-polymer 'FE (III) ION' 'Fe 3'
HEC non-polymer 'HEME C' 'C34 H34 Fe N4 O4'
HEM non-polymer 'PROTOPORPHYRIN IX CONTAINING FE' 'C34 H32 Fe N4 O4'
#
# COMPACT_ATOMS: atom_id res chain seq x y z
N ASP A 1 -4.51 -29.19 0.91
CA ASP A 1 -4.84 -28.13 1.87
C ASP A 1 -3.93 -28.32 3.08
N ILE A 2 -3.53 -27.23 3.72
CA ILE A 2 -2.76 -27.32 4.94
C ILE A 2 -3.78 -27.43 6.06
N GLN A 3 -3.67 -28.45 6.92
CA GLN A 3 -4.47 -28.56 8.15
C GLN A 3 -3.74 -27.86 9.28
N MET A 4 -4.46 -27.19 10.18
CA MET A 4 -3.85 -26.48 11.29
C MET A 4 -4.38 -27.02 12.55
N THR A 5 -3.49 -27.26 13.49
CA THR A 5 -3.90 -27.87 14.73
C THR A 5 -3.45 -26.98 15.85
N GLN A 6 -4.39 -26.53 16.66
CA GLN A 6 -4.06 -25.71 17.80
C GLN A 6 -4.15 -26.53 19.07
N SER A 7 -3.17 -26.36 19.93
CA SER A 7 -3.21 -26.92 21.27
C SER A 7 -2.75 -25.83 22.26
N PRO A 8 -3.26 -25.88 23.49
CA PRO A 8 -4.30 -26.82 23.88
C PRO A 8 -5.67 -26.27 23.44
N PRO A 9 -6.72 -27.11 23.50
CA PRO A 9 -8.02 -26.51 23.11
C PRO A 9 -8.60 -25.58 24.22
N TYR A 10 -8.16 -25.74 25.48
CA TYR A 10 -8.67 -24.94 26.59
C TYR A 10 -7.46 -24.69 27.47
N LEU A 11 -7.40 -23.55 28.12
CA LEU A 11 -6.31 -23.23 28.99
C LEU A 11 -6.95 -22.29 29.97
N ALA A 12 -6.79 -22.61 31.25
CA ALA A 12 -7.27 -21.76 32.34
C ALA A 12 -6.04 -21.03 32.84
N ALA A 13 -6.17 -19.75 33.20
CA ALA A 13 -5.06 -18.99 33.71
C ALA A 13 -5.56 -17.77 34.48
N SER A 14 -4.64 -17.01 35.09
CA SER A 14 -5.03 -15.92 35.97
C SER A 14 -4.43 -14.60 35.51
N PRO A 15 -5.06 -13.47 35.91
CA PRO A 15 -4.48 -12.16 35.59
C PRO A 15 -3.03 -11.99 36.11
N GLY A 16 -2.14 -11.42 35.29
CA GLY A 16 -0.76 -11.18 35.70
C GLY A 16 0.22 -12.26 35.25
N GLU A 17 -0.28 -13.44 34.90
CA GLU A 17 0.56 -14.57 34.50
C GLU A 17 0.84 -14.50 33.03
N THR A 18 1.74 -15.34 32.57
CA THR A 18 2.09 -15.43 31.18
C THR A 18 1.62 -16.73 30.63
N ILE A 19 1.01 -16.72 29.44
CA ILE A 19 0.74 -18.00 28.80
C ILE A 19 1.30 -18.01 27.42
N THR A 20 1.49 -19.20 26.88
CA THR A 20 1.83 -19.37 25.51
C THR A 20 1.05 -20.56 24.88
N ILE A 21 0.46 -20.36 23.69
CA ILE A 21 -0.35 -21.38 23.01
C ILE A 21 0.24 -21.77 21.66
N ASN A 22 -0.19 -22.91 21.10
CA ASN A 22 0.50 -23.50 19.93
C ASN A 22 -0.31 -23.62 18.69
N CYS A 23 0.36 -23.57 17.56
CA CYS A 23 -0.30 -23.77 16.31
C CYS A 23 0.62 -24.62 15.47
N ARG A 24 0.11 -25.68 14.87
CA ARG A 24 0.95 -26.55 14.01
C ARG A 24 0.33 -26.63 12.63
N ALA A 25 1.13 -26.53 11.57
CA ALA A 25 0.62 -26.74 10.21
C ALA A 25 0.99 -28.18 9.74
N SER A 26 0.22 -28.77 8.84
CA SER A 26 0.47 -30.12 8.36
C SER A 26 1.63 -30.13 7.34
N LYS A 27 1.93 -28.98 6.74
CA LYS A 27 3.14 -28.82 5.90
C LYS A 27 3.69 -27.41 6.10
N SER A 28 4.86 -27.12 5.56
CA SER A 28 5.42 -25.81 5.75
C SER A 28 4.56 -24.67 5.21
N ILE A 29 4.38 -23.65 6.03
CA ILE A 29 3.72 -22.43 5.61
C ILE A 29 4.73 -21.27 5.70
N ARG A 30 6.01 -21.56 5.53
CA ARG A 30 7.08 -20.54 5.72
C ARG A 30 6.85 -19.69 6.98
N LYS A 31 6.68 -18.39 6.89
CA LYS A 31 6.46 -17.60 8.12
C LYS A 31 5.03 -17.04 8.23
N TYR A 32 4.15 -17.50 7.35
CA TYR A 32 2.85 -16.80 7.15
C TYR A 32 1.70 -17.37 7.96
N LEU A 33 1.66 -16.95 9.23
CA LEU A 33 0.68 -17.41 10.19
C LEU A 33 0.14 -16.18 10.92
N ALA A 34 -1.19 -16.01 10.94
CA ALA A 34 -1.84 -14.89 11.61
C ALA A 34 -2.65 -15.43 12.78
N TRP A 35 -3.00 -14.53 13.72
CA TRP A 35 -3.84 -14.92 14.85
C TRP A 35 -4.94 -13.89 15.06
N TYR A 36 -6.09 -14.40 15.53
CA TYR A 36 -7.25 -13.58 15.75
C TYR A 36 -7.73 -13.84 17.14
N GLN A 37 -8.36 -12.82 17.72
CA GLN A 37 -9.06 -12.91 18.97
C GLN A 37 -10.56 -12.86 18.70
N GLU A 38 -11.30 -13.80 19.32
CA GLU A 38 -12.74 -13.79 19.21
C GLU A 38 -13.34 -13.59 20.59
N LYS A 39 -14.25 -12.62 20.69
CA LYS A 39 -14.97 -12.32 21.92
C LYS A 39 -16.47 -12.18 21.60
N PRO A 40 -17.34 -12.65 22.53
CA PRO A 40 -18.80 -12.49 22.35
C PRO A 40 -19.19 -11.01 22.21
N GLY A 41 -20.09 -10.69 21.27
CA GLY A 41 -20.48 -9.29 21.02
C GLY A 41 -19.46 -8.40 20.28
N LYS A 42 -18.43 -8.95 19.67
CA LYS A 42 -17.46 -8.08 19.00
C LYS A 42 -17.07 -8.74 17.72
N THR A 43 -16.53 -8.00 16.77
CA THR A 43 -15.98 -8.60 15.57
C THR A 43 -14.59 -9.13 15.86
N ASN A 44 -14.20 -10.17 15.12
CA ASN A 44 -12.92 -10.78 15.28
C ASN A 44 -11.75 -9.80 15.02
N LYS A 45 -10.66 -9.96 15.81
CA LYS A 45 -9.66 -8.92 15.84
C LYS A 45 -8.32 -9.54 15.51
N LEU A 46 -7.69 -9.00 14.47
CA LEU A 46 -6.39 -9.46 14.05
C LEU A 46 -5.36 -9.03 15.10
N LEU A 47 -4.51 -9.96 15.54
CA LEU A 47 -3.52 -9.70 16.59
C LEU A 47 -2.11 -9.63 16.00
N ILE A 48 -1.76 -10.62 15.18
CA ILE A 48 -0.38 -10.88 14.74
C ILE A 48 -0.52 -11.43 13.35
N TYR A 49 0.42 -11.10 12.45
CA TYR A 49 0.51 -11.78 11.14
C TYR A 49 1.95 -12.03 10.81
N SER A 50 2.17 -12.88 9.82
CA SER A 50 3.49 -13.22 9.40
C SER A 50 4.25 -13.74 10.58
N GLY A 51 3.58 -14.47 11.46
CA GLY A 51 4.31 -15.14 12.54
C GLY A 51 4.59 -14.31 13.76
N SER A 52 5.14 -13.12 13.51
CA SER A 52 5.51 -12.34 14.66
C SER A 52 5.27 -10.86 14.51
N THR A 53 4.62 -10.42 13.42
CA THR A 53 4.38 -8.97 13.31
C THR A 53 3.09 -8.62 14.05
N LEU A 54 3.18 -7.71 15.02
CA LEU A 54 2.02 -7.14 15.72
C LEU A 54 1.23 -6.23 14.77
N GLN A 55 -0.09 -6.36 14.80
CA GLN A 55 -0.98 -5.54 14.04
C GLN A 55 -1.06 -4.17 14.74
N PHE A 56 -1.30 -3.13 13.96
CA PHE A 56 -1.38 -1.77 14.48
C PHE A 56 -2.34 -1.65 15.65
N GLY A 57 -1.91 -0.99 16.74
CA GLY A 57 -2.75 -0.77 17.89
C GLY A 57 -2.82 -1.99 18.84
N ILE A 58 -2.22 -3.13 18.48
CA ILE A 58 -2.21 -4.24 19.45
C ILE A 58 -1.15 -4.09 20.57
N PRO A 59 -1.54 -4.15 21.85
CA PRO A 59 -0.50 -3.93 22.97
C PRO A 59 0.68 -4.89 22.86
N SER A 60 1.86 -4.41 23.20
CA SER A 60 3.09 -5.24 23.10
C SER A 60 3.12 -6.45 24.05
N ARG A 61 2.16 -6.56 24.98
CA ARG A 61 2.12 -7.80 25.76
C ARG A 61 1.81 -9.07 24.90
N PHE A 62 1.37 -8.91 23.63
CA PHE A 62 1.17 -10.04 22.74
C PHE A 62 2.39 -10.19 21.87
N SER A 63 2.80 -11.43 21.56
CA SER A 63 3.92 -11.65 20.64
C SER A 63 3.71 -13.02 20.06
N GLY A 64 4.41 -13.36 18.99
CA GLY A 64 4.35 -14.72 18.50
C GLY A 64 5.62 -15.04 17.76
N SER A 65 5.87 -16.31 17.48
CA SER A 65 6.99 -16.69 16.64
C SER A 65 6.78 -18.06 16.06
N GLY A 66 7.72 -18.47 15.23
CA GLY A 66 7.68 -19.72 14.54
C GLY A 66 7.96 -19.55 13.07
N SER A 67 8.20 -20.70 12.42
CA SER A 67 8.29 -20.77 10.95
C SER A 67 8.15 -22.25 10.51
N GLY A 68 7.93 -22.46 9.22
CA GLY A 68 7.66 -23.76 8.66
C GLY A 68 6.35 -24.36 9.16
N THR A 69 6.43 -25.03 10.30
CA THR A 69 5.38 -25.94 10.70
C THR A 69 4.85 -25.74 12.13
N GLU A 70 5.54 -24.94 12.91
CA GLU A 70 5.35 -24.87 14.35
C GLU A 70 5.41 -23.39 14.78
N PHE A 71 4.40 -22.93 15.51
CA PHE A 71 4.23 -21.50 15.78
C PHE A 71 3.62 -21.36 17.18
N THR A 72 3.85 -20.23 17.82
CA THR A 72 3.28 -19.99 19.12
C THR A 72 2.77 -18.55 19.24
N LEU A 73 1.91 -18.36 20.24
CA LEU A 73 1.42 -17.03 20.60
C LEU A 73 1.62 -16.90 22.09
N THR A 74 2.20 -15.78 22.53
CA THR A 74 2.45 -15.55 23.93
C THR A 74 1.75 -14.29 24.34
N ILE A 75 1.17 -14.30 25.53
CA ILE A 75 0.73 -13.09 26.20
C ILE A 75 1.55 -12.94 27.50
N SER A 76 2.21 -11.79 27.67
CA SER A 76 3.16 -11.64 28.73
C SER A 76 2.60 -11.48 30.11
N SER A 77 1.53 -10.73 30.29
CA SER A 77 0.96 -10.57 31.64
C SER A 77 -0.55 -10.41 31.44
N LEU A 78 -1.29 -11.52 31.51
CA LEU A 78 -2.71 -11.50 31.20
C LEU A 78 -3.50 -10.36 31.79
N GLU A 79 -4.33 -9.79 30.95
CA GLU A 79 -5.27 -8.82 31.39
C GLU A 79 -6.68 -9.40 31.30
N PRO A 80 -7.63 -8.83 32.08
CA PRO A 80 -9.01 -9.36 32.14
C PRO A 80 -9.67 -9.44 30.76
N GLU A 81 -9.29 -8.55 29.85
CA GLU A 81 -9.93 -8.52 28.55
C GLU A 81 -9.31 -9.55 27.61
N ASP A 82 -8.23 -10.22 28.04
CA ASP A 82 -7.53 -11.22 27.22
C ASP A 82 -8.16 -12.64 27.22
N PHE A 83 -9.07 -12.88 28.16
CA PHE A 83 -9.75 -14.16 28.24
C PHE A 83 -10.80 -14.20 27.17
N ALA A 84 -10.64 -15.15 26.25
CA ALA A 84 -11.24 -15.01 24.90
C ALA A 84 -10.88 -16.28 24.16
N MET A 85 -11.36 -16.44 22.94
CA MET A 85 -11.02 -17.51 22.00
C MET A 85 -9.93 -17.05 21.01
N TYR A 86 -8.94 -17.89 20.67
CA TYR A 86 -7.85 -17.49 19.82
C TYR A 86 -7.77 -18.45 18.65
N TYR A 87 -7.75 -17.96 17.41
CA TYR A 87 -7.65 -18.78 16.21
C TYR A 87 -6.40 -18.44 15.45
N CYS A 88 -5.76 -19.41 14.83
CA CYS A 88 -4.62 -19.09 13.93
C CYS A 88 -5.07 -19.41 12.51
N GLN A 89 -4.42 -18.78 11.54
CA GLN A 89 -4.76 -18.97 10.16
C GLN A 89 -3.48 -18.87 9.34
N GLN A 90 -3.18 -19.88 8.52
CA GLN A 90 -2.07 -19.74 7.56
C GLN A 90 -2.44 -18.83 6.40
N HIS A 91 -1.47 -17.99 5.98
CA HIS A 91 -1.65 -17.13 4.83
C HIS A 91 -0.47 -17.27 3.85
N ASN A 92 -0.09 -18.51 3.58
CA ASN A 92 0.96 -18.86 2.64
C ASN A 92 0.41 -19.37 1.31
N GLU A 93 -0.80 -19.93 1.28
CA GLU A 93 -1.32 -20.59 0.06
C GLU A 93 -2.82 -20.71 0.03
N TYR A 94 -3.30 -20.81 -1.19
CA TYR A 94 -4.67 -21.13 -1.48
C TYR A 94 -4.91 -22.63 -1.21
N PRO A 95 -6.04 -23.02 -0.60
CA PRO A 95 -7.07 -22.15 0.02
C PRO A 95 -6.61 -21.76 1.42
N LEU A 96 -6.92 -20.56 1.88
CA LEU A 96 -6.64 -20.19 3.27
C LEU A 96 -7.28 -21.21 4.24
N THR A 97 -6.62 -21.53 5.36
CA THR A 97 -7.21 -22.47 6.36
C THR A 97 -6.89 -22.01 7.81
N PHE A 98 -7.67 -22.48 8.79
CA PHE A 98 -7.63 -21.95 10.13
C PHE A 98 -7.53 -23.11 11.09
N GLY A 99 -6.93 -22.88 12.26
CA GLY A 99 -6.99 -23.87 13.31
C GLY A 99 -8.35 -23.72 13.95
N ALA A 100 -8.73 -24.60 14.88
CA ALA A 100 -10.06 -24.60 15.45
C ALA A 100 -10.06 -23.85 16.78
N GLY A 101 -8.92 -23.38 17.27
CA GLY A 101 -9.06 -22.57 18.44
C GLY A 101 -8.58 -23.07 19.77
N THR A 102 -8.10 -22.10 20.56
CA THR A 102 -7.79 -22.29 21.92
C THR A 102 -8.63 -21.28 22.67
N LYS A 103 -9.36 -21.75 23.67
CA LYS A 103 -10.17 -20.88 24.51
C LYS A 103 -9.36 -20.61 25.79
N LEU A 104 -9.09 -19.35 26.06
CA LEU A 104 -8.37 -19.03 27.24
C LEU A 104 -9.39 -18.60 28.28
N GLU A 105 -9.47 -19.36 29.37
CA GLU A 105 -10.47 -19.16 30.42
C GLU A 105 -9.86 -18.66 31.70
N LEU A 106 -10.69 -17.97 32.50
CA LEU A 106 -10.33 -17.29 33.75
C LEU A 106 -10.41 -18.31 34.89
N LYS A 107 -9.30 -18.51 35.61
CA LYS A 107 -9.24 -19.49 36.67
C LYS A 107 -9.83 -18.82 37.87
N ARG A 108 -10.54 -19.58 38.66
CA ARG A 108 -11.06 -19.10 39.92
C ARG A 108 -11.02 -20.32 40.86
N ALA A 109 -11.41 -20.13 42.12
CA ALA A 109 -11.43 -21.24 43.11
C ALA A 109 -12.54 -22.28 42.73
N ASP A 110 -12.27 -23.57 42.98
CA ASP A 110 -13.21 -24.65 42.75
C ASP A 110 -14.50 -24.37 43.51
N ALA A 111 -15.64 -24.63 42.86
CA ALA A 111 -16.91 -24.55 43.55
C ALA A 111 -17.84 -25.69 43.17
N ALA A 112 -18.57 -26.22 44.15
CA ALA A 112 -19.43 -27.36 43.93
C ALA A 112 -20.73 -26.81 43.28
N PRO A 113 -21.37 -27.56 42.35
CA PRO A 113 -22.67 -27.16 41.77
C PRO A 113 -23.76 -27.07 42.85
N THR A 114 -24.64 -26.06 42.77
CA THR A 114 -25.88 -26.03 43.53
C THR A 114 -26.97 -26.77 42.68
N VAL A 115 -27.58 -27.83 43.21
CA VAL A 115 -28.37 -28.72 42.35
C VAL A 115 -29.82 -28.64 42.80
N SER A 116 -30.73 -28.43 41.84
CA SER A 116 -32.18 -28.45 42.10
C SER A 116 -32.91 -29.30 41.06
N ILE A 117 -33.93 -30.02 41.53
CA ILE A 117 -34.73 -30.91 40.67
C ILE A 117 -36.19 -30.42 40.67
N PHE A 118 -36.83 -30.49 39.49
CA PHE A 118 -38.21 -30.01 39.37
C PHE A 118 -39.10 -31.05 38.70
N PRO A 119 -40.13 -31.51 39.41
CA PRO A 119 -41.14 -32.40 38.82
C PRO A 119 -41.85 -31.75 37.61
N PRO A 120 -42.46 -32.56 36.73
CA PRO A 120 -43.27 -31.90 35.67
C PRO A 120 -44.27 -30.91 36.26
N SER A 121 -44.50 -29.78 35.62
CA SER A 121 -45.60 -28.92 36.06
C SER A 121 -46.92 -29.61 35.70
N SER A 122 -47.98 -29.33 36.44
CA SER A 122 -49.29 -29.93 36.14
C SER A 122 -49.83 -29.46 34.79
N GLU A 123 -49.60 -28.21 34.41
CA GLU A 123 -49.92 -27.72 33.04
C GLU A 123 -49.29 -28.64 31.97
N GLN A 124 -48.02 -29.00 32.11
CA GLN A 124 -47.41 -29.91 31.13
C GLN A 124 -48.10 -31.27 31.13
N LEU A 125 -48.43 -31.77 32.34
CA LEU A 125 -49.03 -33.13 32.48
C LEU A 125 -50.38 -33.29 31.81
N THR A 126 -51.21 -32.26 31.87
CA THR A 126 -52.54 -32.31 31.30
C THR A 126 -52.44 -32.44 29.77
N SER A 127 -51.29 -32.05 29.21
CA SER A 127 -51.07 -32.08 27.77
C SER A 127 -50.35 -33.32 27.27
N GLY A 128 -50.02 -34.27 28.14
CA GLY A 128 -49.40 -35.54 27.72
C GLY A 128 -47.93 -35.75 28.03
N GLY A 129 -47.20 -34.65 28.28
CA GLY A 129 -45.74 -34.75 28.33
C GLY A 129 -45.26 -34.62 29.75
N ALA A 130 -44.03 -35.05 30.00
CA ALA A 130 -43.50 -34.96 31.32
C ALA A 130 -42.00 -34.69 31.27
N SER A 131 -41.62 -33.47 31.59
CA SER A 131 -40.23 -33.13 31.60
C SER A 131 -39.81 -32.92 33.02
N VAL A 132 -38.74 -33.57 33.41
CA VAL A 132 -38.14 -33.42 34.78
C VAL A 132 -36.87 -32.66 34.52
N VAL A 133 -36.70 -31.53 35.19
CA VAL A 133 -35.60 -30.61 34.98
C VAL A 133 -34.63 -30.61 36.17
N CYS A 134 -33.35 -30.59 35.87
CA CYS A 134 -32.34 -30.52 36.92
C CYS A 134 -31.38 -29.40 36.57
N PHE A 135 -31.26 -28.42 37.46
CA PHE A 135 -30.29 -27.33 37.31
C PHE A 135 -29.03 -27.62 38.18
N LEU A 136 -27.85 -27.49 37.58
CA LEU A 136 -26.57 -27.57 38.28
C LEU A 136 -25.84 -26.24 38.10
N ASN A 137 -25.93 -25.34 39.09
CA ASN A 137 -25.54 -23.96 38.92
C ASN A 137 -24.24 -23.53 39.68
N ASN A 138 -23.48 -22.58 39.07
CA ASN A 138 -22.35 -21.92 39.69
C ASN A 138 -21.28 -22.88 40.20
N PHE A 139 -20.76 -23.74 39.31
CA PHE A 139 -19.68 -24.65 39.58
C PHE A 139 -18.41 -24.31 38.81
N TYR A 140 -17.30 -24.75 39.38
CA TYR A 140 -15.97 -24.60 38.78
C TYR A 140 -15.05 -25.71 39.31
N PRO A 141 -14.30 -26.31 38.40
CA PRO A 141 -14.13 -26.18 36.94
C PRO A 141 -15.31 -26.80 36.12
N LYS A 142 -15.20 -26.81 34.81
CA LYS A 142 -16.35 -27.06 33.94
C LYS A 142 -16.75 -28.57 33.76
N ASP A 143 -15.87 -29.49 34.07
CA ASP A 143 -16.09 -30.91 33.87
C ASP A 143 -17.09 -31.36 34.90
N ILE A 144 -18.12 -32.02 34.41
CA ILE A 144 -19.16 -32.45 35.31
C ILE A 144 -19.99 -33.56 34.67
N ASN A 145 -20.54 -34.43 35.50
CA ASN A 145 -21.29 -35.54 34.98
C ASN A 145 -22.67 -35.61 35.58
N VAL A 146 -23.68 -35.80 34.76
CA VAL A 146 -25.03 -35.91 35.26
C VAL A 146 -25.60 -37.28 34.93
N LYS A 147 -26.29 -37.86 35.90
CA LYS A 147 -26.88 -39.18 35.77
C LYS A 147 -28.27 -39.08 36.28
N TRP A 148 -29.23 -39.50 35.45
CA TRP A 148 -30.60 -39.67 35.87
C TRP A 148 -30.85 -41.10 36.34
N LYS A 149 -31.66 -41.22 37.40
CA LYS A 149 -32.15 -42.52 37.87
C LYS A 149 -33.64 -42.47 38.09
N ILE A 150 -34.30 -43.52 37.61
CA ILE A 150 -35.73 -43.69 37.82
C ILE A 150 -35.88 -44.98 38.64
N ASP A 151 -36.55 -44.87 39.78
CA ASP A 151 -36.58 -45.94 40.77
C ASP A 151 -35.21 -46.64 40.96
N GLY A 152 -34.13 -45.87 41.13
CA GLY A 152 -32.82 -46.47 41.36
C GLY A 152 -32.13 -47.03 40.12
N SER A 153 -32.79 -46.94 38.97
CA SER A 153 -32.19 -47.40 37.74
C SER A 153 -31.74 -46.27 36.79
N GLU A 154 -30.51 -46.38 36.32
CA GLU A 154 -29.96 -45.41 35.40
C GLU A 154 -30.76 -45.27 34.12
N ARG A 155 -31.18 -44.05 33.82
CA ARG A 155 -31.88 -43.73 32.59
C ARG A 155 -31.02 -42.82 31.67
N GLN A 156 -30.79 -43.32 30.46
CA GLN A 156 -29.94 -42.64 29.49
C GLN A 156 -30.70 -41.88 28.42
N ASN A 157 -31.79 -42.45 27.92
CA ASN A 157 -32.55 -41.88 26.79
C ASN A 157 -33.54 -40.81 27.17
N GLY A 158 -33.60 -39.78 26.33
CA GLY A 158 -34.61 -38.76 26.44
C GLY A 158 -34.09 -37.57 27.27
N VAL A 159 -32.77 -37.51 27.45
CA VAL A 159 -32.09 -36.53 28.29
C VAL A 159 -31.42 -35.47 27.40
N LEU A 160 -31.74 -34.18 27.61
CA LEU A 160 -31.03 -33.08 26.90
C LEU A 160 -30.34 -32.11 27.85
N ASN A 161 -29.07 -31.89 27.61
CA ASN A 161 -28.29 -30.98 28.42
C ASN A 161 -27.94 -29.71 27.67
N SER A 162 -27.76 -28.61 28.41
CA SER A 162 -27.31 -27.37 27.86
C SER A 162 -26.47 -26.72 28.92
N TRP A 163 -25.47 -25.95 28.51
CA TRP A 163 -24.35 -25.49 29.43
C TRP A 163 -24.17 -23.97 29.14
N THR A 164 -24.05 -23.10 30.14
CA THR A 164 -23.73 -21.68 29.87
C THR A 164 -22.25 -21.55 29.60
N ASP A 165 -21.79 -20.41 29.08
CA ASP A 165 -20.36 -20.14 29.03
C ASP A 165 -19.87 -19.67 30.40
N GLN A 166 -18.56 -19.50 30.53
CA GLN A 166 -18.01 -19.02 31.77
C GLN A 166 -18.72 -17.69 32.10
N ASP A 167 -19.33 -17.55 33.28
CA ASP A 167 -19.96 -16.28 33.62
C ASP A 167 -18.89 -15.19 33.68
N SER A 168 -19.09 -14.10 32.95
CA SER A 168 -18.06 -13.04 32.97
C SER A 168 -18.02 -12.18 34.28
N LYS A 169 -18.97 -12.41 35.21
CA LYS A 169 -18.99 -11.85 36.57
C LYS A 169 -18.31 -12.73 37.69
N ASP A 170 -18.77 -13.98 37.89
CA ASP A 170 -18.16 -14.85 38.93
C ASP A 170 -17.29 -16.01 38.39
N SER A 171 -17.15 -16.10 37.06
CA SER A 171 -16.32 -17.09 36.40
C SER A 171 -16.74 -18.55 36.56
N THR A 172 -17.95 -18.80 37.04
CA THR A 172 -18.43 -20.18 37.15
C THR A 172 -19.17 -20.62 35.88
N TYR A 173 -19.59 -21.88 35.88
CA TYR A 173 -20.40 -22.51 34.83
C TYR A 173 -21.73 -22.96 35.39
N SER A 174 -22.73 -23.15 34.51
CA SER A 174 -24.00 -23.74 34.90
C SER A 174 -24.50 -24.66 33.80
N MET A 175 -25.43 -25.55 34.16
CA MET A 175 -25.89 -26.58 33.26
C MET A 175 -27.30 -26.94 33.62
N SER A 176 -28.15 -27.21 32.60
CA SER A 176 -29.40 -27.81 32.88
C SER A 176 -29.46 -29.17 32.23
N SER A 177 -30.18 -30.07 32.87
CA SER A 177 -30.34 -31.42 32.30
C SER A 177 -31.83 -31.67 32.33
N THR A 178 -32.41 -32.02 31.22
CA THR A 178 -33.89 -32.21 31.17
C THR A 178 -34.17 -33.60 30.64
N LEU A 179 -34.96 -34.37 31.40
CA LEU A 179 -35.35 -35.71 30.99
C LEU A 179 -36.77 -35.62 30.46
N THR A 180 -36.96 -35.91 29.21
CA THR A 180 -38.35 -35.77 28.72
C THR A 180 -39.01 -37.14 28.58
N LEU A 181 -40.08 -37.39 29.34
CA LEU A 181 -40.89 -38.62 29.22
C LEU A 181 -42.32 -38.34 28.71
N THR A 182 -43.07 -39.38 28.29
CA THR A 182 -44.51 -39.27 28.06
C THR A 182 -45.17 -39.20 29.46
N LYS A 183 -46.36 -38.63 29.58
CA LYS A 183 -47.03 -38.63 30.89
C LYS A 183 -47.20 -40.10 31.34
N ASP A 184 -47.58 -40.95 30.40
CA ASP A 184 -47.75 -42.38 30.69
C ASP A 184 -46.54 -43.03 31.33
N GLU A 185 -45.37 -42.80 30.74
CA GLU A 185 -44.12 -43.42 31.22
C GLU A 185 -43.77 -42.79 32.56
N TYR A 186 -43.98 -41.48 32.65
CA TYR A 186 -43.80 -40.78 33.93
C TYR A 186 -44.60 -41.46 35.05
N GLU A 187 -45.85 -41.78 34.74
CA GLU A 187 -46.76 -42.33 35.78
C GLU A 187 -46.45 -43.74 36.21
N ARG A 188 -45.67 -44.45 35.41
CA ARG A 188 -45.22 -45.82 35.72
C ARG A 188 -44.21 -45.87 36.85
N HIS A 189 -43.62 -44.75 37.22
CA HIS A 189 -42.54 -44.82 38.22
C HIS A 189 -42.78 -43.83 39.33
N ASN A 190 -42.04 -43.99 40.40
CA ASN A 190 -42.27 -43.10 41.52
C ASN A 190 -41.08 -42.18 41.88
N SER A 191 -39.88 -42.68 41.69
CA SER A 191 -38.73 -42.06 42.26
C SER A 191 -37.81 -41.52 41.17
N TYR A 192 -37.62 -40.19 41.17
CA TYR A 192 -36.80 -39.45 40.20
C TYR A 192 -35.61 -38.78 40.85
N THR A 193 -34.45 -39.06 40.28
CA THR A 193 -33.21 -38.68 40.89
C THR A 193 -32.26 -38.13 39.86
N CYS A 194 -31.66 -37.01 40.22
CA CYS A 194 -30.62 -36.32 39.46
C CYS A 194 -29.29 -36.41 40.27
N GLU A 195 -28.22 -36.91 39.68
CA GLU A 195 -26.93 -37.02 40.44
C GLU A 195 -25.81 -36.35 39.69
N ALA A 196 -25.17 -35.41 40.35
CA ALA A 196 -24.04 -34.67 39.77
C ALA A 196 -22.70 -35.15 40.34
N THR A 197 -21.79 -35.52 39.45
CA THR A 197 -20.46 -35.86 39.89
C THR A 197 -19.48 -34.78 39.45
N HIS A 198 -18.69 -34.25 40.37
CA HIS A 198 -17.87 -33.06 40.12
C HIS A 198 -16.58 -33.17 40.99
N LYS A 199 -15.42 -32.71 40.52
CA LYS A 199 -14.17 -32.94 41.26
C LYS A 199 -14.16 -32.39 42.70
N THR A 200 -15.09 -31.51 43.06
CA THR A 200 -15.16 -31.00 44.44
C THR A 200 -15.63 -32.05 45.50
N SER A 201 -15.97 -33.25 45.06
CA SER A 201 -16.37 -34.30 45.97
C SER A 201 -16.26 -35.65 45.30
N THR A 202 -15.66 -36.63 45.98
CA THR A 202 -15.61 -37.98 45.47
C THR A 202 -17.01 -38.57 45.51
N SER A 203 -17.91 -37.96 46.29
CA SER A 203 -19.24 -38.46 46.31
C SER A 203 -20.29 -37.54 45.61
N PRO A 204 -21.18 -38.15 44.81
CA PRO A 204 -22.19 -37.45 44.00
C PRO A 204 -23.14 -36.55 44.81
N ILE A 205 -23.62 -35.47 44.21
CA ILE A 205 -24.71 -34.69 44.77
C ILE A 205 -26.02 -35.18 44.16
N VAL A 206 -26.95 -35.57 45.03
CA VAL A 206 -28.08 -36.40 44.67
C VAL A 206 -29.29 -35.57 45.05
N LYS A 207 -30.21 -35.32 44.13
CA LYS A 207 -31.43 -34.60 44.49
C LYS A 207 -32.52 -35.43 43.90
N SER A 208 -33.58 -35.63 44.64
CA SER A 208 -34.64 -36.37 44.04
C SER A 208 -35.95 -36.16 44.68
N PHE A 209 -36.97 -36.82 44.15
CA PHE A 209 -38.32 -36.69 44.66
C PHE A 209 -39.17 -37.93 44.34
N ASN A 210 -40.25 -38.08 45.09
CA ASN A 210 -41.20 -39.15 44.82
C ASN A 210 -42.45 -38.57 44.17
N ARG A 211 -42.81 -39.06 43.00
CA ARG A 211 -43.97 -38.61 42.25
C ARG A 211 -45.25 -38.46 43.09
N ASN A 212 -45.41 -39.30 44.12
CA ASN A 212 -46.55 -39.21 45.04
C ASN A 212 -46.62 -37.84 45.76
N GLU A 213 -45.71 -37.61 46.70
CA GLU A 213 -45.45 -36.30 47.26
C GLU A 213 -44.08 -36.41 47.94
N GLU B 1 -13.36 5.21 9.79
CA GLU B 1 -13.31 3.88 10.47
C GLU B 1 -13.77 2.83 9.44
N VAL B 2 -13.02 1.75 9.33
CA VAL B 2 -13.33 0.73 8.36
C VAL B 2 -14.38 -0.18 9.00
N GLN B 3 -15.52 -0.35 8.32
CA GLN B 3 -16.60 -1.11 8.87
C GLN B 3 -17.24 -2.03 7.86
N LEU B 4 -17.70 -3.18 8.31
CA LEU B 4 -18.41 -4.10 7.46
C LEU B 4 -19.72 -4.44 8.13
N GLN B 5 -20.83 -4.16 7.47
CA GLN B 5 -22.18 -4.40 7.99
C GLN B 5 -22.84 -5.54 7.23
N GLN B 6 -23.15 -6.61 7.93
CA GLN B 6 -23.77 -7.75 7.29
C GLN B 6 -25.30 -7.75 7.42
N SER B 7 -25.97 -8.43 6.51
CA SER B 7 -27.44 -8.48 6.55
C SER B 7 -27.92 -9.46 7.70
N GLY B 8 -29.26 -9.41 8.05
CA GLY B 8 -29.84 -10.11 9.19
C GLY B 8 -30.02 -11.63 8.90
N THR B 9 -30.48 -12.36 9.91
CA THR B 9 -30.65 -13.80 9.87
C THR B 9 -31.60 -14.17 8.73
N VAL B 10 -31.25 -15.18 7.96
CA VAL B 10 -32.16 -15.70 6.99
C VAL B 10 -32.49 -17.16 7.30
N LEU B 11 -33.74 -17.54 7.03
CA LEU B 11 -34.23 -18.91 7.29
C LEU B 11 -34.60 -19.45 5.95
N ALA B 12 -34.22 -20.68 5.65
CA ALA B 12 -34.63 -21.28 4.38
C ALA B 12 -34.94 -22.78 4.52
N ARG B 13 -35.65 -23.32 3.54
CA ARG B 13 -35.97 -24.75 3.45
C ARG B 13 -34.86 -25.51 2.72
N PRO B 14 -34.70 -26.80 3.02
CA PRO B 14 -33.68 -27.59 2.32
C PRO B 14 -33.83 -27.52 0.79
N GLY B 15 -32.72 -27.44 0.06
CA GLY B 15 -32.80 -27.31 -1.41
C GLY B 15 -33.09 -25.91 -1.93
N ALA B 16 -33.49 -24.98 -1.06
CA ALA B 16 -33.66 -23.59 -1.49
C ALA B 16 -32.28 -22.82 -1.57
N SER B 17 -32.36 -21.51 -1.83
CA SER B 17 -31.23 -20.64 -2.01
C SER B 17 -31.39 -19.47 -1.11
N VAL B 18 -30.25 -18.92 -0.66
CA VAL B 18 -30.29 -17.72 0.10
C VAL B 18 -29.19 -16.78 -0.38
N LYS B 19 -29.40 -15.49 -0.19
CA LYS B 19 -28.45 -14.48 -0.61
C LYS B 19 -28.26 -13.43 0.51
N MET B 20 -27.00 -13.14 0.91
CA MET B 20 -26.76 -12.25 1.98
C MET B 20 -25.78 -11.18 1.48
N SER B 21 -25.74 -10.07 2.20
CA SER B 21 -24.94 -8.93 1.78
C SER B 21 -23.95 -8.43 2.88
N CYS B 22 -22.94 -7.69 2.44
CA CYS B 22 -21.94 -7.12 3.32
C CYS B 22 -21.61 -5.71 2.84
N LYS B 23 -22.01 -4.72 3.62
CA LYS B 23 -21.86 -3.34 3.19
C LYS B 23 -20.51 -2.76 3.74
N ALA B 24 -19.58 -2.37 2.85
CA ALA B 24 -18.30 -1.87 3.34
C ALA B 24 -18.36 -0.34 3.51
N SER B 25 -17.73 0.19 4.55
CA SER B 25 -17.58 1.64 4.55
C SER B 25 -16.27 2.04 5.18
N GLY B 26 -15.82 3.30 4.89
CA GLY B 26 -14.57 3.84 5.43
C GLY B 26 -13.31 3.48 4.67
N TYR B 27 -13.41 3.01 3.41
CA TYR B 27 -12.13 2.69 2.68
C TYR B 27 -12.37 2.48 1.19
N SER B 28 -11.30 2.28 0.43
CA SER B 28 -11.48 2.14 -1.02
C SER B 28 -11.97 0.70 -1.33
N PHE B 29 -13.26 0.57 -1.51
CA PHE B 29 -13.91 -0.74 -1.65
C PHE B 29 -13.34 -1.55 -2.79
N THR B 30 -12.97 -0.89 -3.90
CA THR B 30 -12.51 -1.59 -5.09
C THR B 30 -11.03 -2.05 -4.95
N SER B 31 -10.33 -1.65 -3.87
CA SER B 31 -8.90 -1.94 -3.71
C SER B 31 -8.54 -3.18 -2.82
N TYR B 32 -9.54 -3.88 -2.30
CA TYR B 32 -9.24 -4.97 -1.39
C TYR B 32 -10.17 -6.17 -1.65
N TRP B 33 -9.54 -7.36 -1.73
CA TRP B 33 -10.26 -8.64 -1.64
C TRP B 33 -11.20 -8.64 -0.45
N MET B 34 -12.41 -9.09 -0.69
CA MET B 34 -13.38 -9.33 0.37
C MET B 34 -13.59 -10.83 0.47
N HIS B 35 -13.29 -11.38 1.64
CA HIS B 35 -13.32 -12.82 1.93
C HIS B 35 -14.57 -13.20 2.66
N TRP B 36 -14.97 -14.45 2.50
CA TRP B 36 -16.11 -14.96 3.23
C TRP B 36 -15.73 -16.23 3.95
N VAL B 37 -16.24 -16.38 5.17
CA VAL B 37 -15.78 -17.46 6.04
C VAL B 37 -16.99 -18.04 6.74
N LYS B 38 -17.03 -19.38 6.86
CA LYS B 38 -18.17 -20.11 7.46
C LYS B 38 -17.77 -20.63 8.84
N GLN B 39 -18.67 -20.47 9.80
CA GLN B 39 -18.47 -21.09 11.10
C GLN B 39 -19.73 -21.86 11.56
N ARG B 40 -19.65 -23.17 11.59
CA ARG B 40 -20.70 -24.01 12.19
C ARG B 40 -20.39 -24.19 13.65
N PRO B 41 -21.44 -24.26 14.48
CA PRO B 41 -21.21 -24.38 15.92
C PRO B 41 -20.32 -25.58 16.29
N GLY B 42 -19.36 -25.31 17.16
CA GLY B 42 -18.29 -26.22 17.54
C GLY B 42 -17.42 -26.76 16.44
N GLN B 43 -17.30 -26.06 15.31
CA GLN B 43 -16.63 -26.65 14.14
C GLN B 43 -15.45 -25.96 13.46
N GLY B 44 -15.05 -24.79 13.87
CA GLY B 44 -13.83 -24.26 13.24
C GLY B 44 -14.14 -23.48 11.96
N LEU B 45 -13.32 -22.49 11.69
CA LEU B 45 -13.57 -21.55 10.64
C LEU B 45 -13.18 -22.15 9.31
N GLU B 46 -13.98 -21.88 8.28
CA GLU B 46 -13.63 -22.34 6.95
C GLU B 46 -13.68 -21.23 5.95
N TRP B 47 -12.70 -21.15 5.10
CA TRP B 47 -12.65 -20.09 4.10
C TRP B 47 -13.48 -20.48 2.90
N ILE B 48 -14.53 -19.74 2.56
CA ILE B 48 -15.37 -20.09 1.41
C ILE B 48 -14.77 -19.59 0.08
N GLY B 49 -14.30 -18.33 0.06
CA GLY B 49 -13.80 -17.73 -1.16
C GLY B 49 -13.69 -16.22 -1.00
N ALA B 50 -13.34 -15.53 -2.09
CA ALA B 50 -13.17 -14.10 -2.01
C ALA B 50 -13.57 -13.44 -3.37
N VAL B 51 -13.98 -12.17 -3.31
CA VAL B 51 -14.23 -11.48 -4.52
C VAL B 51 -13.30 -10.22 -4.52
N TYR B 52 -12.75 -9.82 -5.66
CA TYR B 52 -11.96 -8.58 -5.74
C TYR B 52 -12.73 -7.53 -6.50
N PRO B 53 -13.31 -6.54 -5.79
CA PRO B 53 -14.34 -5.69 -6.44
C PRO B 53 -13.76 -4.81 -7.51
N GLY B 54 -12.45 -4.55 -7.49
CA GLY B 54 -11.81 -3.76 -8.55
C GLY B 54 -11.83 -4.40 -9.93
N ASN B 55 -12.11 -5.69 -10.03
CA ASN B 55 -12.20 -6.23 -11.40
C ASN B 55 -13.17 -7.36 -11.45
N SER B 56 -13.88 -7.61 -10.34
CA SER B 56 -14.90 -8.66 -10.31
C SER B 56 -14.39 -10.07 -10.26
N ASP B 57 -13.08 -10.28 -10.29
CA ASP B 57 -12.57 -11.62 -10.18
C ASP B 57 -12.97 -12.25 -8.82
N THR B 58 -13.10 -13.57 -8.80
CA THR B 58 -13.50 -14.32 -7.63
C THR B 58 -12.55 -15.51 -7.49
N SER B 59 -12.51 -16.08 -6.31
CA SER B 59 -11.73 -17.28 -6.04
C SER B 59 -12.50 -18.13 -5.00
N TYR B 60 -12.57 -19.44 -5.21
CA TYR B 60 -13.44 -20.29 -4.39
C TYR B 60 -12.67 -21.44 -3.87
N ASN B 61 -12.86 -21.78 -2.60
CA ASN B 61 -12.35 -23.04 -2.06
C ASN B 61 -12.97 -24.14 -2.92
N GLN B 62 -12.20 -25.16 -3.32
CA GLN B 62 -12.78 -26.32 -4.02
C GLN B 62 -13.95 -26.94 -3.27
N LYS B 63 -13.97 -26.91 -1.93
CA LYS B 63 -15.08 -27.50 -1.22
C LYS B 63 -16.35 -26.67 -1.42
N PHE B 64 -16.23 -25.42 -1.91
CA PHE B 64 -17.43 -24.56 -2.03
C PHE B 64 -17.79 -24.17 -3.46
N LYS B 65 -17.04 -24.66 -4.46
CA LYS B 65 -17.34 -24.37 -5.87
C LYS B 65 -18.81 -24.61 -6.19
N GLY B 66 -19.36 -25.73 -5.79
CA GLY B 66 -20.81 -25.91 -6.07
C GLY B 66 -21.74 -24.92 -5.36
N LYS B 67 -21.36 -24.52 -4.13
CA LYS B 67 -22.26 -23.96 -3.13
C LYS B 67 -22.49 -22.48 -3.22
N ALA B 68 -21.39 -21.75 -3.36
CA ALA B 68 -21.35 -20.30 -3.12
C ALA B 68 -21.12 -19.55 -4.43
N LYS B 69 -21.75 -18.40 -4.55
CA LYS B 69 -21.52 -17.50 -5.65
C LYS B 69 -21.26 -16.11 -5.05
N LEU B 70 -20.17 -15.44 -5.46
CA LEU B 70 -19.78 -14.17 -4.82
C LEU B 70 -19.79 -13.08 -5.84
N THR B 71 -20.35 -11.92 -5.48
CA THR B 71 -20.41 -10.84 -6.43
C THR B 71 -20.18 -9.58 -5.62
N ALA B 72 -20.08 -8.44 -6.32
CA ALA B 72 -19.89 -7.16 -5.64
C ALA B 72 -20.50 -6.13 -6.52
N VAL B 73 -21.04 -5.07 -5.91
CA VAL B 73 -21.58 -3.94 -6.65
C VAL B 73 -20.87 -2.69 -6.19
N THR B 74 -20.11 -2.12 -7.09
CA THR B 74 -19.16 -1.02 -6.78
C THR B 74 -19.82 0.24 -6.23
N SER B 75 -20.81 0.77 -6.96
CA SER B 75 -21.49 1.99 -6.55
C SER B 75 -21.96 1.89 -5.07
N ALA B 76 -22.35 0.70 -4.59
CA ALA B 76 -22.94 0.58 -3.28
C ALA B 76 -21.91 0.11 -2.27
N SER B 77 -20.67 -0.12 -2.70
CA SER B 77 -19.66 -0.71 -1.80
C SER B 77 -20.24 -1.92 -1.06
N THR B 78 -21.01 -2.74 -1.75
CA THR B 78 -21.46 -3.92 -1.06
C THR B 78 -21.16 -5.26 -1.80
N ALA B 79 -20.71 -6.26 -1.04
CA ALA B 79 -20.41 -7.58 -1.56
C ALA B 79 -21.55 -8.55 -1.18
N TYR B 80 -21.77 -9.58 -2.00
CA TYR B 80 -22.84 -10.51 -1.81
C TYR B 80 -22.36 -11.92 -1.92
N MET B 81 -23.01 -12.78 -1.14
CA MET B 81 -22.83 -14.25 -1.25
C MET B 81 -24.18 -14.94 -1.40
N GLU B 82 -24.31 -15.78 -2.44
CA GLU B 82 -25.50 -16.53 -2.61
C GLU B 82 -25.19 -18.00 -2.35
N LEU B 83 -25.96 -18.63 -1.48
CA LEU B 83 -25.78 -20.05 -1.22
C LEU B 83 -26.95 -20.86 -1.75
N SER B 84 -26.66 -21.90 -2.50
CA SER B 84 -27.72 -22.58 -3.21
C SER B 84 -27.81 -24.02 -2.78
N SER B 85 -28.96 -24.59 -3.13
CA SER B 85 -29.32 -25.96 -2.87
C SER B 85 -28.94 -26.39 -1.43
N LEU B 86 -29.59 -25.69 -0.51
CA LEU B 86 -29.26 -25.71 0.87
C LEU B 86 -29.55 -27.04 1.55
N THR B 87 -28.76 -27.31 2.56
CA THR B 87 -28.72 -28.56 3.31
C THR B 87 -28.62 -28.17 4.80
N ASN B 88 -28.85 -29.11 5.71
CA ASN B 88 -28.65 -28.87 7.14
C ASN B 88 -27.21 -28.43 7.49
N GLU B 89 -26.24 -28.89 6.70
CA GLU B 89 -24.85 -28.59 6.93
C GLU B 89 -24.51 -27.15 6.58
N ASP B 90 -25.42 -26.45 5.89
CA ASP B 90 -25.19 -25.05 5.60
C ASP B 90 -25.73 -24.17 6.70
N SER B 91 -26.45 -24.72 7.67
CA SER B 91 -26.74 -23.91 8.89
C SER B 91 -25.46 -23.48 9.68
N ALA B 92 -25.20 -22.18 9.76
CA ALA B 92 -23.90 -21.66 10.18
C ALA B 92 -24.04 -20.14 10.32
N VAL B 93 -23.02 -19.55 10.92
CA VAL B 93 -22.68 -18.11 10.80
C VAL B 93 -21.68 -17.87 9.66
N TYR B 94 -21.94 -16.85 8.86
CA TYR B 94 -21.13 -16.61 7.67
C TYR B 94 -20.64 -15.19 7.85
N TYR B 95 -19.31 -15.00 7.75
CA TYR B 95 -18.65 -13.73 7.97
C TYR B 95 -18.11 -13.23 6.66
N CYS B 96 -18.10 -11.92 6.45
CA CYS B 96 -17.26 -11.38 5.37
C CYS B 96 -16.10 -10.66 6.09
N SER B 97 -14.96 -10.50 5.42
CA SER B 97 -13.85 -9.84 6.01
C SER B 97 -12.92 -9.26 4.95
N ARG B 98 -12.16 -8.23 5.32
CA ARG B 98 -11.34 -7.47 4.35
C ARG B 98 -9.88 -7.92 4.49
N SER B 99 -9.25 -8.27 3.40
CA SER B 99 -7.77 -8.33 3.33
C SER B 99 -7.16 -7.17 4.11
N SER B 100 -6.08 -7.40 4.88
CA SER B 100 -5.41 -6.28 5.56
C SER B 100 -4.59 -5.54 4.55
N LEU B 101 -4.30 -6.14 3.39
CA LEU B 101 -3.51 -5.48 2.33
C LEU B 101 -4.31 -5.21 1.01
N ASP B 102 -4.08 -4.03 0.43
CA ASP B 102 -4.73 -3.65 -0.81
C ASP B 102 -4.08 -4.34 -2.04
N GLY B 103 -4.89 -4.54 -3.11
CA GLY B 103 -4.37 -4.93 -4.41
C GLY B 103 -4.78 -6.32 -4.84
N TYR B 104 -4.52 -6.65 -6.08
CA TYR B 104 -5.12 -7.76 -6.68
C TYR B 104 -4.35 -9.03 -6.35
N TYR B 105 -3.05 -8.90 -6.31
CA TYR B 105 -2.18 -10.03 -6.16
C TYR B 105 -1.93 -10.42 -4.72
N VAL B 106 -2.56 -9.78 -3.74
CA VAL B 106 -2.53 -10.33 -2.39
C VAL B 106 -3.76 -11.19 -2.07
N LYS B 107 -4.07 -12.16 -2.92
CA LYS B 107 -5.26 -13.02 -2.73
C LYS B 107 -5.24 -13.73 -1.40
N ASN B 108 -4.15 -14.41 -1.11
CA ASN B 108 -3.97 -15.17 0.10
C ASN B 108 -3.26 -14.37 1.18
N TRP B 109 -4.00 -13.62 1.99
CA TRP B 109 -3.37 -12.88 3.08
C TRP B 109 -4.27 -13.07 4.30
N CYS B 110 -4.04 -12.27 5.33
CA CYS B 110 -4.84 -12.32 6.54
C CYS B 110 -5.78 -11.12 6.44
N PHE B 111 -6.69 -10.99 7.40
CA PHE B 111 -7.78 -10.03 7.29
C PHE B 111 -7.71 -9.07 8.49
N ASP B 112 -7.97 -7.79 8.26
CA ASP B 112 -7.99 -6.89 9.41
C ASP B 112 -9.35 -6.45 9.96
N VAL B 113 -10.45 -6.61 9.24
CA VAL B 113 -11.76 -6.20 9.75
C VAL B 113 -12.71 -7.32 9.36
N TRP B 114 -13.65 -7.66 10.24
CA TRP B 114 -14.58 -8.72 9.97
C TRP B 114 -15.93 -8.12 10.18
N GLY B 115 -16.90 -8.60 9.40
CA GLY B 115 -18.26 -8.35 9.75
C GLY B 115 -18.68 -9.12 11.00
N GLN B 116 -19.87 -8.80 11.52
CA GLN B 116 -20.43 -9.41 12.72
C GLN B 116 -21.09 -10.76 12.43
N GLY B 117 -21.15 -11.18 11.19
CA GLY B 117 -21.73 -12.47 10.90
C GLY B 117 -23.23 -12.46 10.54
N THR B 118 -23.61 -13.28 9.56
CA THR B 118 -25.02 -13.52 9.18
C THR B 118 -25.36 -14.99 9.46
N THR B 119 -26.38 -15.23 10.33
CA THR B 119 -26.90 -16.58 10.58
C THR B 119 -27.81 -17.09 9.44
N VAL B 120 -27.47 -18.28 8.92
CA VAL B 120 -28.37 -19.05 8.02
C VAL B 120 -28.85 -20.32 8.76
N THR B 121 -30.16 -20.51 8.84
CA THR B 121 -30.75 -21.63 9.54
C THR B 121 -31.59 -22.35 8.48
N VAL B 122 -31.21 -23.59 8.21
CA VAL B 122 -31.88 -24.37 7.19
C VAL B 122 -32.74 -25.41 7.90
N SER B 123 -34.06 -25.39 7.66
CA SER B 123 -34.99 -26.23 8.39
C SER B 123 -36.29 -26.38 7.63
N SER B 124 -37.02 -27.48 7.91
CA SER B 124 -38.32 -27.70 7.35
C SER B 124 -39.38 -27.29 8.30
N ALA B 125 -39.02 -26.91 9.51
CA ALA B 125 -40.03 -26.64 10.53
C ALA B 125 -40.94 -25.41 10.23
N LYS B 126 -42.07 -25.37 10.93
CA LYS B 126 -43.02 -24.31 10.80
C LYS B 126 -42.91 -23.41 12.01
N THR B 127 -43.11 -22.13 11.77
CA THR B 127 -43.31 -21.18 12.84
C THR B 127 -44.31 -21.65 13.89
N THR B 128 -43.84 -21.84 15.12
CA THR B 128 -44.58 -22.37 16.27
C THR B 128 -44.22 -21.63 17.57
N ALA B 129 -45.24 -21.12 18.26
CA ALA B 129 -45.10 -20.48 19.55
C ALA B 129 -44.66 -21.52 20.60
N PRO B 130 -43.88 -21.11 21.64
CA PRO B 130 -43.47 -22.06 22.61
C PRO B 130 -44.59 -22.30 23.63
N SER B 131 -44.52 -23.43 24.33
CA SER B 131 -45.27 -23.68 25.54
C SER B 131 -44.34 -23.30 26.68
N VAL B 132 -44.87 -22.71 27.72
CA VAL B 132 -44.06 -22.19 28.80
C VAL B 132 -44.63 -22.80 30.08
N TYR B 133 -43.79 -23.46 30.88
CA TYR B 133 -44.23 -24.16 32.06
C TYR B 133 -43.42 -23.65 33.26
N PRO B 134 -44.12 -23.27 34.35
CA PRO B 134 -43.54 -22.85 35.60
C PRO B 134 -42.95 -24.03 36.29
N LEU B 135 -41.79 -23.85 36.90
CA LEU B 135 -41.15 -24.91 37.68
C LEU B 135 -41.06 -24.54 39.16
N ALA B 136 -41.99 -25.05 39.99
CA ALA B 136 -41.93 -24.81 41.43
C ALA B 136 -41.08 -25.88 42.12
N PRO B 137 -40.47 -25.56 43.26
CA PRO B 137 -39.65 -26.60 43.93
C PRO B 137 -40.48 -27.81 44.29
N VAL B 138 -39.78 -28.91 44.56
CA VAL B 138 -40.38 -30.13 45.04
C VAL B 138 -41.37 -29.87 46.17
N CYS B 139 -42.54 -30.49 46.02
CA CYS B 139 -43.66 -30.42 46.96
C CYS B 139 -43.21 -30.46 48.44
N GLY B 140 -43.66 -29.45 49.21
CA GLY B 140 -43.41 -29.30 50.65
C GLY B 140 -41.97 -29.26 51.14
N ASP B 141 -41.04 -29.60 50.26
CA ASP B 141 -39.62 -29.83 50.57
C ASP B 141 -38.81 -28.56 50.93
N THR B 142 -39.52 -27.50 51.35
CA THR B 142 -38.90 -26.21 51.72
C THR B 142 -38.08 -26.29 53.02
N THR B 143 -36.79 -25.96 52.93
CA THR B 143 -35.86 -26.11 54.05
C THR B 143 -34.79 -25.00 54.12
N GLY B 144 -33.89 -24.96 53.13
CA GLY B 144 -32.68 -24.09 53.14
C GLY B 144 -32.88 -22.58 53.15
N SER B 145 -31.78 -21.85 53.01
CA SER B 145 -31.81 -20.37 53.07
C SER B 145 -32.12 -19.66 51.73
N SER B 146 -31.83 -20.33 50.62
CA SER B 146 -32.23 -19.82 49.31
C SER B 146 -33.10 -20.84 48.58
N VAL B 147 -33.91 -20.38 47.65
CA VAL B 147 -34.77 -21.28 46.86
C VAL B 147 -34.52 -21.04 45.39
N THR B 148 -34.44 -22.13 44.60
CA THR B 148 -34.34 -22.03 43.17
C THR B 148 -35.67 -22.32 42.42
N LEU B 149 -36.04 -21.47 41.46
CA LEU B 149 -37.26 -21.63 40.65
C LEU B 149 -36.88 -21.79 39.20
N GLY B 150 -37.79 -22.28 38.39
CA GLY B 150 -37.46 -22.36 36.98
C GLY B 150 -38.60 -22.09 36.04
N CYS B 151 -38.28 -22.05 34.76
CA CYS B 151 -39.24 -21.79 33.74
C CYS B 151 -38.75 -22.60 32.55
N LEU B 152 -39.59 -23.51 32.00
CA LEU B 152 -39.23 -24.36 30.83
C LEU B 152 -40.01 -23.83 29.61
N VAL B 153 -39.31 -23.65 28.49
CA VAL B 153 -39.85 -23.09 27.28
C VAL B 153 -39.65 -24.16 26.23
N LYS B 154 -40.71 -24.65 25.64
CA LYS B 154 -40.61 -25.91 24.94
C LYS B 154 -41.32 -25.87 23.63
N GLY B 155 -40.68 -26.37 22.60
CA GLY B 155 -41.35 -26.62 21.36
C GLY B 155 -41.58 -25.44 20.44
N TYR B 156 -40.58 -24.57 20.26
CA TYR B 156 -40.76 -23.40 19.42
C TYR B 156 -39.84 -23.41 18.22
N PHE B 157 -40.23 -22.59 17.22
CA PHE B 157 -39.43 -22.36 16.04
C PHE B 157 -39.89 -21.05 15.42
N PRO B 158 -38.93 -20.25 14.89
CA PRO B 158 -37.48 -20.38 14.95
C PRO B 158 -36.93 -19.68 16.19
N GLU B 159 -35.60 -19.64 16.37
CA GLU B 159 -34.98 -18.76 17.40
C GLU B 159 -35.19 -17.31 16.98
N PRO B 160 -35.25 -16.36 17.94
CA PRO B 160 -34.93 -16.66 19.33
C PRO B 160 -36.12 -16.47 20.25
N VAL B 161 -35.95 -16.69 21.53
CA VAL B 161 -36.96 -16.33 22.51
C VAL B 161 -36.24 -15.37 23.46
N THR B 162 -36.93 -14.45 24.10
CA THR B 162 -36.27 -13.71 25.18
C THR B 162 -37.05 -14.04 26.45
N LEU B 163 -36.35 -14.34 27.51
CA LEU B 163 -36.99 -14.72 28.72
C LEU B 163 -36.52 -13.73 29.78
N THR B 164 -37.43 -13.22 30.60
CA THR B 164 -37.02 -12.34 31.71
C THR B 164 -37.76 -12.87 32.95
N TRP B 165 -37.43 -12.33 34.09
CA TRP B 165 -38.10 -12.69 35.32
C TRP B 165 -38.61 -11.40 35.93
N ASN B 166 -39.87 -11.40 36.38
CA ASN B 166 -40.54 -10.15 36.83
C ASN B 166 -40.29 -8.94 35.91
N SER B 167 -40.50 -9.15 34.62
CA SER B 167 -40.35 -8.12 33.59
C SER B 167 -38.98 -7.49 33.58
N GLY B 168 -37.98 -8.20 34.10
CA GLY B 168 -36.59 -7.74 34.00
C GLY B 168 -36.01 -7.14 35.27
N SER B 169 -36.87 -6.86 36.25
CA SER B 169 -36.39 -6.25 37.47
C SER B 169 -35.65 -7.27 38.32
N LEU B 170 -36.05 -8.56 38.22
CA LEU B 170 -35.30 -9.62 38.89
C LEU B 170 -34.26 -10.17 37.91
N SER B 171 -32.99 -9.88 38.12
CA SER B 171 -32.01 -10.13 37.05
C SER B 171 -30.74 -10.76 37.61
N SER B 172 -30.50 -10.60 38.89
CA SER B 172 -29.30 -11.24 39.36
C SER B 172 -29.61 -12.69 39.86
N GLY B 173 -28.63 -13.60 39.89
CA GLY B 173 -28.89 -15.00 40.23
C GLY B 173 -29.76 -15.80 39.26
N VAL B 174 -29.78 -15.34 37.99
CA VAL B 174 -30.51 -15.93 36.89
C VAL B 174 -29.55 -16.66 35.95
N HIS B 175 -29.91 -17.85 35.50
CA HIS B 175 -29.20 -18.55 34.48
C HIS B 175 -30.23 -18.95 33.38
N THR B 176 -29.94 -18.51 32.17
CA THR B 176 -30.78 -18.81 31.05
C THR B 176 -29.93 -19.56 30.08
N PHE B 177 -30.37 -20.77 29.73
CA PHE B 177 -29.49 -21.66 28.99
C PHE B 177 -29.67 -21.58 27.49
N PRO B 178 -28.58 -21.88 26.72
CA PRO B 178 -28.85 -21.87 25.26
C PRO B 178 -29.88 -22.95 24.82
N ALA B 179 -30.57 -22.73 23.71
CA ALA B 179 -31.68 -23.52 23.29
C ALA B 179 -31.08 -24.75 22.68
N VAL B 180 -31.78 -25.87 22.71
CA VAL B 180 -31.35 -27.02 21.92
C VAL B 180 -32.49 -27.57 21.06
N LEU B 181 -32.11 -28.15 19.94
CA LEU B 181 -33.02 -28.80 19.07
C LEU B 181 -33.48 -30.12 19.62
N GLN B 182 -34.79 -30.25 19.75
CA GLN B 182 -35.45 -31.50 20.10
C GLN B 182 -36.34 -31.81 18.89
N SER B 183 -35.89 -32.74 18.06
CA SER B 183 -36.44 -32.98 16.73
C SER B 183 -36.21 -31.73 15.88
N ASP B 184 -37.30 -31.04 15.51
CA ASP B 184 -37.17 -29.83 14.73
C ASP B 184 -37.47 -28.60 15.55
N LEU B 185 -37.69 -28.74 16.86
CA LEU B 185 -38.17 -27.64 17.65
C LEU B 185 -37.14 -27.38 18.76
N TYR B 186 -37.16 -26.16 19.29
CA TYR B 186 -36.17 -25.70 20.25
C TYR B 186 -36.78 -25.75 21.62
N THR B 187 -35.93 -26.04 22.60
CA THR B 187 -36.35 -25.92 23.95
C THR B 187 -35.25 -25.21 24.77
N LEU B 188 -35.64 -24.36 25.69
CA LEU B 188 -34.66 -23.84 26.63
C LEU B 188 -35.26 -23.75 28.03
N SER B 189 -34.42 -23.46 29.03
CA SER B 189 -34.93 -23.26 30.37
C SER B 189 -34.12 -22.18 31.03
N SER B 190 -34.65 -21.66 32.13
CA SER B 190 -34.02 -20.66 32.88
C SER B 190 -34.30 -20.94 34.33
N SER B 191 -33.26 -20.76 35.19
CA SER B 191 -33.45 -20.82 36.65
C SER B 191 -33.23 -19.44 37.28
N VAL B 192 -33.93 -19.20 38.39
CA VAL B 192 -33.68 -18.05 39.29
C VAL B 192 -33.60 -18.47 40.77
N THR B 193 -32.52 -18.02 41.42
CA THR B 193 -32.24 -18.26 42.83
C THR B 193 -32.38 -16.91 43.60
N VAL B 194 -33.07 -16.95 44.72
CA VAL B 194 -33.62 -15.82 45.42
C VAL B 194 -33.54 -16.33 46.88
N THR B 195 -33.55 -15.44 47.89
CA THR B 195 -33.48 -15.91 49.29
C THR B 195 -34.87 -16.43 49.72
N SER B 196 -34.97 -17.34 50.69
CA SER B 196 -36.29 -17.97 50.97
C SER B 196 -37.34 -17.08 51.63
N SER B 197 -36.93 -16.01 52.28
CA SER B 197 -37.90 -15.03 52.73
C SER B 197 -38.43 -14.15 51.58
N THR B 198 -37.95 -14.37 50.36
CA THR B 198 -38.47 -13.67 49.18
C THR B 198 -39.69 -14.42 48.63
N ARG B 199 -39.64 -15.73 48.62
CA ARG B 199 -40.64 -16.49 47.87
C ARG B 199 -41.07 -17.69 48.71
N PRO B 200 -42.39 -18.02 48.73
CA PRO B 200 -43.53 -17.43 47.96
C PRO B 200 -44.18 -16.16 48.53
N SER B 201 -43.55 -15.50 49.50
CA SER B 201 -44.18 -14.27 50.03
C SER B 201 -44.29 -13.18 48.96
N GLN B 202 -43.33 -13.12 48.06
CA GLN B 202 -43.31 -12.14 46.97
C GLN B 202 -43.48 -12.84 45.62
N SER B 203 -44.11 -12.15 44.67
CA SER B 203 -44.42 -12.73 43.39
C SER B 203 -43.21 -12.90 42.47
N ILE B 204 -43.06 -14.09 41.90
CA ILE B 204 -42.07 -14.27 40.84
C ILE B 204 -42.70 -14.87 39.57
N THR B 205 -42.52 -14.15 38.45
CA THR B 205 -43.14 -14.48 37.17
C THR B 205 -42.09 -14.56 36.08
N CYS B 206 -42.22 -15.63 35.31
CA CYS B 206 -41.43 -15.93 34.13
C CYS B 206 -42.08 -15.20 32.91
N ASN B 207 -41.36 -14.40 32.11
CA ASN B 207 -41.94 -13.70 30.90
C ASN B 207 -41.22 -14.17 29.67
N VAL B 208 -41.95 -14.67 28.67
CA VAL B 208 -41.29 -15.26 27.53
C VAL B 208 -41.89 -14.62 26.30
N ALA B 209 -41.03 -14.02 25.49
CA ALA B 209 -41.48 -13.48 24.20
C ALA B 209 -40.86 -14.26 23.01
N HIS B 210 -41.69 -14.52 21.98
CA HIS B 210 -41.23 -15.18 20.79
C HIS B 210 -41.61 -14.30 19.62
N PRO B 211 -40.69 -13.39 19.19
CA PRO B 211 -41.16 -12.36 18.21
C PRO B 211 -41.70 -13.00 16.96
N ALA B 212 -41.11 -14.14 16.55
CA ALA B 212 -41.51 -14.79 15.31
C ALA B 212 -43.00 -15.28 15.21
N SER B 213 -43.68 -15.47 16.34
CA SER B 213 -45.08 -15.78 16.35
C SER B 213 -45.80 -14.72 17.13
N SER B 214 -45.15 -13.57 17.36
CA SER B 214 -45.77 -12.44 18.16
C SER B 214 -46.40 -12.89 19.48
N THR B 215 -45.79 -13.86 20.16
CA THR B 215 -46.31 -14.26 21.49
C THR B 215 -45.52 -13.68 22.66
N LYS B 216 -46.25 -13.37 23.73
CA LYS B 216 -45.73 -12.88 24.99
C LYS B 216 -46.50 -13.61 26.05
N VAL B 217 -45.84 -14.39 26.91
CA VAL B 217 -46.59 -15.06 27.99
C VAL B 217 -45.89 -14.94 29.33
N ASP B 218 -46.72 -14.83 30.37
CA ASP B 218 -46.31 -14.76 31.74
C ASP B 218 -46.77 -16.01 32.48
N LYS B 219 -45.84 -16.63 33.21
CA LYS B 219 -46.15 -17.78 34.02
C LYS B 219 -45.69 -17.50 35.42
N LYS B 220 -46.65 -17.37 36.32
CA LYS B 220 -46.40 -17.17 37.72
C LYS B 220 -45.93 -18.46 38.33
N ILE B 221 -44.87 -18.44 39.16
CA ILE B 221 -44.48 -19.66 39.87
C ILE B 221 -45.26 -19.82 41.19
N GLU B 222 -45.99 -20.93 41.33
CA GLU B 222 -46.86 -21.16 42.48
C GLU B 222 -46.33 -22.33 43.29
N PRO B 223 -46.32 -22.21 44.61
CA PRO B 223 -45.91 -23.40 45.37
C PRO B 223 -46.81 -24.60 45.02
N ARG B 224 -46.24 -25.81 45.03
CA ARG B 224 -47.00 -27.03 44.69
C ARG B 224 -47.93 -27.47 45.87
N GLY B 225 -49.09 -28.06 45.54
CA GLY B 225 -50.05 -28.53 46.58
C GLY B 225 -50.72 -29.92 46.49
N PHE C 10 42.70 20.04 -36.78
CA PHE C 10 43.57 20.24 -35.58
C PHE C 10 43.79 19.00 -34.74
N ALA C 11 45.00 18.86 -34.19
CA ALA C 11 45.43 17.62 -33.46
C ALA C 11 44.86 17.42 -32.05
N SER C 12 44.63 18.53 -31.33
CA SER C 12 44.14 18.48 -29.96
C SER C 12 42.61 18.14 -29.83
N GLN C 13 41.95 17.92 -30.97
CA GLN C 13 40.55 17.53 -31.02
C GLN C 13 40.39 16.07 -30.63
N ALA C 14 41.51 15.35 -30.59
CA ALA C 14 41.53 13.92 -30.21
C ALA C 14 41.17 13.68 -28.75
N VAL C 15 41.24 14.73 -27.93
CA VAL C 15 40.91 14.62 -26.50
C VAL C 15 39.42 14.37 -26.28
N ALA C 16 38.63 14.59 -27.33
CA ALA C 16 37.17 14.40 -27.33
C ALA C 16 36.85 12.92 -27.20
N LYS C 17 37.78 12.09 -27.67
CA LYS C 17 37.56 10.64 -27.81
C LYS C 17 37.27 9.89 -26.49
N PRO C 18 38.12 10.10 -25.45
CA PRO C 18 37.88 9.37 -24.19
C PRO C 18 36.51 9.72 -23.61
N TYR C 19 36.12 10.98 -23.79
CA TYR C 19 34.83 11.44 -23.34
C TYR C 19 33.67 10.70 -24.02
N PHE C 20 33.69 10.61 -25.34
CA PHE C 20 32.61 9.88 -26.04
C PHE C 20 32.60 8.38 -25.70
N VAL C 21 33.79 7.77 -25.65
CA VAL C 21 33.86 6.34 -25.30
C VAL C 21 33.27 6.15 -23.89
N PHE C 22 33.73 6.95 -22.92
CA PHE C 22 33.25 6.74 -21.56
C PHE C 22 31.72 6.88 -21.50
N ALA C 23 31.23 7.98 -22.07
CA ALA C 23 29.79 8.25 -22.17
C ALA C 23 29.01 7.03 -22.63
N LEU C 24 29.47 6.38 -23.72
CA LEU C 24 28.82 5.16 -24.26
C LEU C 24 28.85 3.96 -23.33
N ILE C 25 29.94 3.80 -22.58
CA ILE C 25 30.02 2.75 -21.55
C ILE C 25 28.96 3.01 -20.44
N LEU C 26 28.89 4.27 -19.99
CA LEU C 26 27.98 4.64 -18.90
C LEU C 26 26.53 4.50 -19.35
N PHE C 27 26.25 4.88 -20.61
CA PHE C 27 24.95 4.72 -21.26
C PHE C 27 24.46 3.26 -21.13
N VAL C 28 25.35 2.32 -21.48
CA VAL C 28 25.09 0.87 -21.20
C VAL C 28 24.72 0.56 -19.74
N GLY C 29 25.55 1.00 -18.78
CA GLY C 29 25.16 0.90 -17.35
C GLY C 29 23.75 1.46 -17.06
N GLN C 30 23.48 2.65 -17.59
CA GLN C 30 22.18 3.28 -17.34
C GLN C 30 21.04 2.38 -17.78
N ILE C 31 21.15 1.75 -18.96
CA ILE C 31 20.09 0.87 -19.46
C ILE C 31 19.87 -0.38 -18.58
N LEU C 32 20.97 -1.05 -18.24
CA LEU C 32 20.94 -2.21 -17.34
C LEU C 32 20.19 -1.86 -16.04
N PHE C 33 20.38 -0.64 -15.54
CA PHE C 33 19.73 -0.30 -14.27
C PHE C 33 18.26 0.05 -14.45
N GLY C 34 17.92 0.68 -15.59
CA GLY C 34 16.53 0.82 -16.02
C GLY C 34 15.86 -0.54 -16.08
N LEU C 35 16.48 -1.48 -16.77
CA LEU C 35 15.88 -2.80 -16.90
C LEU C 35 15.64 -3.46 -15.52
N ILE C 36 16.51 -3.18 -14.55
CA ILE C 36 16.36 -3.72 -13.20
C ILE C 36 15.11 -3.17 -12.51
N MET C 37 14.95 -1.85 -12.54
CA MET C 37 13.78 -1.17 -11.99
C MET C 37 12.52 -1.57 -12.72
N GLY C 38 12.60 -1.73 -14.04
CA GLY C 38 11.41 -2.08 -14.80
C GLY C 38 10.86 -3.44 -14.37
N LEU C 39 11.74 -4.37 -13.98
CA LEU C 39 11.32 -5.67 -13.48
C LEU C 39 10.78 -5.56 -12.05
N GLN C 40 11.43 -4.71 -11.25
CA GLN C 40 11.00 -4.39 -9.85
C GLN C 40 9.57 -3.86 -9.80
N TYR C 41 9.19 -3.06 -10.78
CA TYR C 41 7.80 -2.65 -10.87
C TYR C 41 6.80 -3.82 -10.79
N VAL C 42 7.11 -4.96 -11.44
CA VAL C 42 6.12 -6.06 -11.57
C VAL C 42 6.50 -7.35 -10.83
N VAL C 43 7.77 -7.49 -10.42
CA VAL C 43 8.20 -8.50 -9.45
C VAL C 43 8.82 -7.69 -8.34
N GLY C 44 7.97 -7.25 -7.41
CA GLY C 44 8.35 -6.13 -6.53
C GLY C 44 9.47 -6.38 -5.54
N ASP C 45 9.85 -7.66 -5.34
CA ASP C 45 10.94 -8.06 -4.43
C ASP C 45 12.19 -8.52 -5.18
N PHE C 46 12.21 -8.31 -6.49
CA PHE C 46 13.40 -8.61 -7.28
C PHE C 46 14.66 -7.85 -6.81
N LEU C 47 15.68 -8.63 -6.45
CA LEU C 47 16.98 -8.10 -5.96
C LEU C 47 16.88 -7.41 -4.59
N PHE C 48 15.80 -7.69 -3.88
CA PHE C 48 15.59 -7.08 -2.59
C PHE C 48 16.05 -8.06 -1.51
N PRO C 49 16.73 -7.58 -0.43
CA PRO C 49 17.09 -6.21 -0.06
C PRO C 49 18.45 -5.76 -0.54
N ALA C 50 19.12 -6.58 -1.35
CA ALA C 50 20.45 -6.25 -1.81
C ALA C 50 20.48 -4.91 -2.59
N ILE C 51 19.66 -4.78 -3.63
CA ILE C 51 19.59 -3.52 -4.33
C ILE C 51 18.15 -3.08 -4.33
N PRO C 52 17.75 -2.35 -3.29
CA PRO C 52 16.40 -1.81 -3.32
C PRO C 52 16.20 -0.81 -4.49
N PHE C 53 14.94 -0.69 -4.92
CA PHE C 53 14.52 0.13 -6.06
C PHE C 53 15.14 1.51 -6.07
N ASN C 54 15.11 2.23 -4.96
CA ASN C 54 15.69 3.58 -4.90
C ASN C 54 17.21 3.61 -5.20
N VAL C 55 17.92 2.54 -4.78
CA VAL C 55 19.37 2.41 -5.09
C VAL C 55 19.53 2.21 -6.62
N ALA C 56 18.76 1.30 -7.20
CA ALA C 56 18.83 1.10 -8.65
C ALA C 56 18.46 2.39 -9.38
N ARG C 57 17.60 3.20 -8.77
CA ARG C 57 17.08 4.37 -9.43
C ARG C 57 18.12 5.47 -9.46
N MET C 58 18.78 5.70 -8.32
CA MET C 58 19.76 6.80 -8.27
C MET C 58 20.94 6.50 -9.19
N VAL C 59 21.29 5.21 -9.36
CA VAL C 59 22.29 4.76 -10.33
C VAL C 59 21.82 5.05 -11.76
N HIS C 60 20.61 4.61 -12.13
CA HIS C 60 20.00 4.88 -13.45
C HIS C 60 20.00 6.37 -13.75
N THR C 61 19.52 7.21 -12.83
CA THR C 61 19.37 8.65 -13.15
C THR C 61 20.68 9.43 -13.04
N ASN C 62 21.58 9.08 -12.11
CA ASN C 62 22.90 9.73 -12.10
C ASN C 62 23.81 9.32 -13.26
N LEU C 63 23.78 8.05 -13.66
CA LEU C 63 24.48 7.64 -14.88
C LEU C 63 23.97 8.34 -16.11
N LEU C 64 22.67 8.69 -16.16
CA LEU C 64 22.12 9.48 -17.29
C LEU C 64 22.70 10.87 -17.31
N ILE C 65 22.64 11.57 -16.19
CA ILE C 65 23.23 12.89 -16.17
C ILE C 65 24.77 12.89 -16.43
N VAL C 66 25.51 12.00 -15.76
CA VAL C 66 26.98 11.96 -15.93
C VAL C 66 27.38 11.62 -17.36
N TRP C 67 26.76 10.58 -17.95
CA TRP C 67 27.04 10.31 -19.36
C TRP C 67 26.74 11.47 -20.33
N LEU C 68 25.63 12.18 -20.13
CA LEU C 68 25.36 13.34 -21.00
C LEU C 68 26.42 14.46 -20.77
N LEU C 69 26.78 14.71 -19.50
CA LEU C 69 27.83 15.66 -19.16
C LEU C 69 29.15 15.34 -19.85
N PHE C 70 29.52 14.05 -19.86
CA PHE C 70 30.69 13.58 -20.63
C PHE C 70 30.53 13.84 -22.13
N GLY C 71 29.38 13.44 -22.69
CA GLY C 71 29.05 13.78 -24.08
C GLY C 71 29.20 15.28 -24.36
N PHE C 72 28.66 16.12 -23.48
CA PHE C 72 28.78 17.57 -23.68
C PHE C 72 30.22 18.00 -23.70
N MET C 73 31.04 17.48 -22.79
CA MET C 73 32.46 17.84 -22.78
C MET C 73 33.16 17.31 -24.02
N GLY C 74 32.86 16.07 -24.37
CA GLY C 74 33.32 15.53 -25.65
C GLY C 74 33.02 16.53 -26.75
N ALA C 75 31.74 16.87 -26.90
CA ALA C 75 31.29 17.73 -27.98
C ALA C 75 32.05 19.04 -27.95
N ALA C 76 32.20 19.63 -26.77
CA ALA C 76 32.90 20.92 -26.70
C ALA C 76 34.39 20.76 -27.09
N TYR C 77 35.03 19.68 -26.62
CA TYR C 77 36.44 19.43 -26.94
C TYR C 77 36.70 19.24 -28.43
N TYR C 78 35.73 18.68 -29.14
CA TYR C 78 35.88 18.46 -30.58
C TYR C 78 35.62 19.73 -31.41
N LEU C 79 34.50 20.42 -31.14
CA LEU C 79 34.15 21.53 -31.99
C LEU C 79 34.79 22.84 -31.57
N VAL C 80 35.14 23.02 -30.31
CA VAL C 80 35.67 24.35 -29.92
C VAL C 80 37.01 24.72 -30.62
N PRO C 81 38.00 23.80 -30.62
CA PRO C 81 39.19 24.06 -31.44
C PRO C 81 38.87 24.41 -32.89
N GLU C 82 37.96 23.67 -33.54
CA GLU C 82 37.63 23.92 -34.93
C GLU C 82 36.99 25.30 -35.16
N GLU C 83 36.05 25.67 -34.29
CA GLU C 83 35.44 27.02 -34.31
C GLU C 83 36.45 28.11 -34.05
N SER C 84 37.34 27.91 -33.08
CA SER C 84 38.26 28.97 -32.67
C SER C 84 39.47 29.14 -33.61
N ASP C 85 39.61 28.21 -34.57
CA ASP C 85 40.67 28.20 -35.58
C ASP C 85 42.07 28.03 -34.95
N CYS C 86 42.18 27.22 -33.90
CA CYS C 86 43.49 26.96 -33.26
C CYS C 86 43.47 25.74 -32.34
N GLU C 87 44.65 25.33 -31.87
CA GLU C 87 44.73 24.20 -30.93
C GLU C 87 44.01 24.53 -29.63
N LEU C 88 43.48 23.50 -28.97
CA LEU C 88 42.85 23.63 -27.66
C LEU C 88 43.87 24.13 -26.65
N TYR C 89 43.42 25.00 -25.75
CA TYR C 89 44.30 25.53 -24.72
C TYR C 89 45.13 24.47 -23.98
N SER C 90 44.59 23.31 -23.60
CA SER C 90 45.46 22.30 -22.96
C SER C 90 45.01 20.84 -23.11
N PRO C 91 45.57 20.12 -24.11
CA PRO C 91 45.32 18.68 -24.27
C PRO C 91 45.59 17.89 -23.00
N LYS C 92 46.64 18.24 -22.27
CA LYS C 92 46.96 17.55 -21.03
C LYS C 92 45.92 17.79 -19.90
N LEU C 93 45.33 19.00 -19.85
CA LEU C 93 44.28 19.33 -18.87
C LEU C 93 43.02 18.51 -19.19
N ALA C 94 42.60 18.52 -20.46
CA ALA C 94 41.51 17.65 -20.91
C ALA C 94 41.68 16.22 -20.36
N TRP C 95 42.92 15.71 -20.40
CA TRP C 95 43.22 14.35 -19.92
C TRP C 95 43.22 14.17 -18.41
N ILE C 96 43.82 15.10 -17.65
CA ILE C 96 43.69 15.03 -16.16
C ILE C 96 42.21 15.06 -15.73
N LEU C 97 41.46 16.03 -16.26
CA LEU C 97 40.04 16.19 -15.97
C LEU C 97 39.24 14.94 -16.35
N PHE C 98 39.51 14.34 -17.51
CA PHE C 98 38.84 13.12 -17.87
C PHE C 98 38.96 12.05 -16.78
N TRP C 99 40.20 11.76 -16.35
CA TRP C 99 40.42 10.76 -15.28
C TRP C 99 39.79 11.13 -13.94
N VAL C 100 39.82 12.42 -13.56
CA VAL C 100 39.24 12.84 -12.27
C VAL C 100 37.71 12.69 -12.26
N PHE C 101 37.08 13.13 -13.36
CA PHE C 101 35.65 13.04 -13.55
C PHE C 101 35.20 11.56 -13.60
N ALA C 102 35.89 10.74 -14.42
CA ALA C 102 35.62 9.31 -14.51
C ALA C 102 35.81 8.60 -13.19
N ALA C 103 36.87 8.95 -12.45
CA ALA C 103 37.11 8.32 -11.14
C ALA C 103 36.05 8.71 -10.10
N ALA C 104 35.69 9.99 -10.08
CA ALA C 104 34.65 10.50 -9.14
C ALA C 104 33.28 9.91 -9.42
N GLY C 105 32.97 9.72 -10.69
CA GLY C 105 31.68 9.18 -11.10
C GLY C 105 31.54 7.73 -10.69
N VAL C 106 32.58 6.92 -10.99
CA VAL C 106 32.59 5.49 -10.67
C VAL C 106 32.60 5.28 -9.15
N LEU C 107 33.44 6.05 -8.43
CA LEU C 107 33.40 6.06 -6.96
C LEU C 107 32.02 6.35 -6.35
N THR C 108 31.30 7.35 -6.88
CA THR C 108 30.00 7.66 -6.24
C THR C 108 28.92 6.62 -6.55
N ILE C 109 28.88 6.14 -7.78
CA ILE C 109 28.07 4.96 -8.11
C ILE C 109 28.34 3.79 -7.13
N LEU C 110 29.63 3.49 -6.87
CA LEU C 110 30.04 2.42 -5.93
C LEU C 110 29.52 2.71 -4.54
N GLY C 111 29.67 3.96 -4.12
CA GLY C 111 29.01 4.45 -2.91
C GLY C 111 27.55 4.03 -2.82
N TYR C 112 26.74 4.49 -3.77
CA TYR C 112 25.35 4.09 -3.79
C TYR C 112 25.17 2.57 -3.69
N LEU C 113 25.99 1.81 -4.41
CA LEU C 113 25.74 0.37 -4.52
C LEU C 113 26.23 -0.46 -3.32
N LEU C 114 27.23 0.05 -2.60
CA LEU C 114 28.00 -0.77 -1.63
C LEU C 114 27.71 -0.43 -0.15
N VAL C 115 27.12 0.73 0.11
CA VAL C 115 26.86 1.17 1.47
C VAL C 115 25.43 1.70 1.55
N PRO C 116 24.63 1.20 2.52
CA PRO C 116 23.25 1.73 2.58
C PRO C 116 23.30 3.26 2.60
N TYR C 117 22.30 3.88 1.98
CA TYR C 117 22.33 5.32 1.80
C TYR C 117 22.63 6.18 3.02
N ALA C 118 22.03 5.84 4.16
CA ALA C 118 22.19 6.67 5.34
C ALA C 118 23.61 6.52 5.91
N GLY C 119 24.13 5.29 5.83
CA GLY C 119 25.55 4.98 6.09
C GLY C 119 26.53 5.71 5.17
N LEU C 120 26.13 5.90 3.92
CA LEU C 120 26.94 6.68 2.98
C LEU C 120 26.93 8.14 3.40
N ALA C 121 25.79 8.59 3.91
CA ALA C 121 25.62 9.98 4.35
C ALA C 121 26.54 10.32 5.54
N ARG C 122 26.43 9.53 6.61
CA ARG C 122 27.32 9.58 7.78
C ARG C 122 28.79 9.64 7.37
N LEU C 123 29.20 8.67 6.56
CA LEU C 123 30.56 8.42 6.08
C LEU C 123 31.19 9.57 5.30
N THR C 124 30.37 10.29 4.53
CA THR C 124 30.87 11.44 3.76
C THR C 124 30.65 12.73 4.52
N GLY C 125 30.15 12.61 5.75
CA GLY C 125 29.99 13.77 6.64
C GLY C 125 28.97 14.76 6.12
N ASN C 126 27.84 14.23 5.64
CA ASN C 126 26.77 15.00 5.00
C ASN C 126 26.08 15.94 5.98
N GLU C 127 26.10 15.59 7.28
CA GLU C 127 25.45 16.42 8.29
C GLU C 127 26.11 17.81 8.51
N LEU C 128 27.34 17.99 8.02
CA LEU C 128 28.01 19.29 8.12
C LEU C 128 27.39 20.26 7.10
N TRP C 129 27.04 19.71 5.95
CA TRP C 129 26.52 20.45 4.80
C TRP C 129 25.50 19.54 4.04
N PRO C 130 24.25 19.43 4.54
CA PRO C 130 23.30 18.42 3.99
C PRO C 130 22.86 18.78 2.59
N THR C 131 23.39 18.07 1.60
CA THR C 131 22.91 18.17 0.21
C THR C 131 22.33 16.82 -0.30
N MET C 132 22.45 15.74 0.48
CA MET C 132 22.07 14.42 -0.05
C MET C 132 20.56 14.11 -0.08
N GLY C 133 20.16 13.10 -0.84
CA GLY C 133 18.80 12.60 -0.68
C GLY C 133 17.75 13.52 -1.31
N ARG C 134 18.18 14.37 -2.28
CA ARG C 134 17.20 15.04 -3.15
C ARG C 134 17.28 14.44 -4.56
N GLU C 135 16.15 14.46 -5.27
CA GLU C 135 16.07 13.75 -6.55
C GLU C 135 17.11 14.30 -7.50
N PHE C 136 17.86 13.38 -8.14
CA PHE C 136 18.89 13.69 -9.14
C PHE C 136 20.11 14.29 -8.47
N LEU C 137 19.98 14.54 -7.17
CA LEU C 137 21.07 15.17 -6.41
C LEU C 137 21.54 14.29 -5.25
N GLU C 138 21.55 12.97 -5.45
CA GLU C 138 21.78 11.97 -4.39
C GLU C 138 23.27 11.81 -4.02
N GLN C 139 24.15 12.33 -4.86
CA GLN C 139 25.59 12.29 -4.63
C GLN C 139 26.03 13.02 -3.35
N PRO C 140 26.96 12.41 -2.58
CA PRO C 140 27.58 13.10 -1.41
C PRO C 140 28.01 14.53 -1.73
N THR C 141 28.00 15.41 -0.73
CA THR C 141 28.45 16.82 -0.95
C THR C 141 29.90 16.96 -1.49
N ILE C 142 30.77 16.10 -0.98
CA ILE C 142 32.16 16.05 -1.46
C ILE C 142 32.15 15.66 -2.94
N SER C 143 31.22 14.81 -3.31
CA SER C 143 31.20 14.30 -4.68
C SER C 143 30.64 15.40 -5.62
N LYS C 144 29.64 16.14 -5.14
CA LYS C 144 29.19 17.33 -5.84
C LYS C 144 30.38 18.29 -5.99
N ALA C 145 31.10 18.57 -4.88
CA ALA C 145 32.27 19.49 -4.91
C ALA C 145 33.31 19.11 -5.98
N GLY C 146 33.71 17.84 -5.98
CA GLY C 146 34.51 17.26 -7.06
C GLY C 146 34.01 17.57 -8.47
N ILE C 147 32.70 17.39 -8.71
CA ILE C 147 32.06 17.76 -10.01
C ILE C 147 32.18 19.27 -10.36
N VAL C 148 31.98 20.16 -9.39
CA VAL C 148 32.24 21.61 -9.60
C VAL C 148 33.68 21.87 -10.07
N ILE C 149 34.65 21.26 -9.36
CA ILE C 149 36.08 21.46 -9.70
C ILE C 149 36.36 21.01 -11.11
N VAL C 150 35.85 19.84 -11.49
CA VAL C 150 35.96 19.37 -12.89
C VAL C 150 35.29 20.36 -13.89
N ALA C 151 34.11 20.86 -13.55
CA ALA C 151 33.43 21.81 -14.43
C ALA C 151 34.25 23.10 -14.59
N LEU C 152 34.80 23.61 -13.49
CA LEU C 152 35.66 24.79 -13.51
C LEU C 152 36.91 24.61 -14.39
N GLY C 153 37.61 23.49 -14.20
CA GLY C 153 38.73 23.07 -15.06
C GLY C 153 38.36 23.10 -16.53
N PHE C 154 37.33 22.35 -16.87
CA PHE C 154 36.83 22.24 -18.24
C PHE C 154 36.43 23.59 -18.84
N LEU C 155 35.79 24.45 -18.04
CA LEU C 155 35.37 25.75 -18.53
C LEU C 155 36.60 26.63 -18.87
N PHE C 156 37.58 26.67 -17.96
CA PHE C 156 38.84 27.39 -18.17
C PHE C 156 39.46 26.91 -19.50
N ASN C 157 39.52 25.59 -19.67
CA ASN C 157 40.15 24.96 -20.83
C ASN C 157 39.55 25.38 -22.18
N VAL C 158 38.28 25.11 -22.34
CA VAL C 158 37.53 25.48 -23.52
C VAL C 158 37.37 27.05 -23.69
N GLY C 159 37.28 27.74 -22.55
CA GLY C 159 37.03 29.19 -22.49
C GLY C 159 38.24 30.00 -22.88
N MET C 160 39.42 29.52 -22.48
CA MET C 160 40.70 30.15 -22.86
C MET C 160 40.92 29.98 -24.34
N THR C 161 40.39 28.89 -24.88
CA THR C 161 40.54 28.57 -26.28
C THR C 161 39.71 29.53 -27.10
N VAL C 162 38.49 29.80 -26.65
CA VAL C 162 37.67 30.79 -27.30
C VAL C 162 38.31 32.19 -27.21
N LEU C 163 38.98 32.49 -26.09
CA LEU C 163 39.53 33.83 -25.89
C LEU C 163 40.66 34.19 -26.87
N ARG C 164 41.75 33.42 -26.82
CA ARG C 164 42.79 33.46 -27.84
C ARG C 164 42.35 32.61 -29.05
N GLY C 165 41.65 33.21 -30.01
CA GLY C 165 40.95 32.41 -31.04
C GLY C 165 39.81 33.17 -31.72
N ARG C 166 39.34 32.60 -32.83
CA ARG C 166 38.23 33.17 -33.57
C ARG C 166 36.92 32.90 -32.77
N LYS C 167 36.26 33.99 -32.39
CA LYS C 167 34.91 33.97 -31.90
C LYS C 167 33.90 33.72 -33.02
N THR C 168 33.01 32.76 -32.81
CA THR C 168 31.83 32.57 -33.67
C THR C 168 30.59 32.47 -32.77
N ALA C 169 29.41 32.75 -33.32
CA ALA C 169 28.16 32.71 -32.53
C ALA C 169 27.89 31.28 -31.97
N ILE C 170 28.10 30.23 -32.78
CA ILE C 170 28.05 28.83 -32.30
C ILE C 170 28.87 28.60 -31.01
N SER C 171 30.17 28.92 -31.08
CA SER C 171 31.04 28.72 -29.91
C SER C 171 30.62 29.58 -28.72
N MET C 172 30.14 30.80 -28.97
CA MET C 172 29.75 31.69 -27.86
C MET C 172 28.41 31.32 -27.17
N VAL C 173 27.49 30.72 -27.94
CA VAL C 173 26.24 30.21 -27.40
C VAL C 173 26.54 28.90 -26.62
N LEU C 174 27.40 28.03 -27.18
CA LEU C 174 27.91 26.86 -26.45
C LEU C 174 28.51 27.30 -25.11
N MET C 175 29.48 28.21 -25.12
CA MET C 175 30.12 28.62 -23.86
C MET C 175 29.11 29.17 -22.87
N THR C 176 28.16 30.00 -23.36
CA THR C 176 27.04 30.52 -22.53
C THR C 176 26.22 29.38 -21.83
N GLY C 177 25.83 28.37 -22.61
CA GLY C 177 25.09 27.21 -22.07
C GLY C 177 25.96 26.45 -21.06
N LEU C 178 27.23 26.26 -21.44
CA LEU C 178 28.15 25.53 -20.61
C LEU C 178 28.40 26.27 -19.30
N ILE C 179 28.43 27.59 -19.34
CA ILE C 179 28.72 28.37 -18.12
C ILE C 179 27.47 28.38 -17.27
N GLY C 180 26.34 28.56 -17.92
CA GLY C 180 25.07 28.60 -17.22
C GLY C 180 24.77 27.25 -16.56
N LEU C 181 25.10 26.16 -17.24
CA LEU C 181 24.96 24.82 -16.67
C LEU C 181 25.70 24.74 -15.32
N ALA C 182 26.96 25.19 -15.30
CA ALA C 182 27.83 24.99 -14.12
C ALA C 182 27.45 25.90 -12.98
N LEU C 183 27.11 27.16 -13.32
CA LEU C 183 26.55 28.11 -12.33
C LEU C 183 25.26 27.56 -11.68
N LEU C 184 24.26 27.23 -12.49
CA LEU C 184 23.00 26.69 -11.95
C LEU C 184 23.24 25.46 -11.07
N PHE C 185 24.22 24.62 -11.38
CA PHE C 185 24.51 23.42 -10.56
C PHE C 185 24.79 23.80 -9.10
N LEU C 186 25.28 25.02 -8.94
CA LEU C 186 25.62 25.54 -7.62
C LEU C 186 24.43 25.56 -6.70
N PHE C 187 23.21 25.64 -7.24
CA PHE C 187 22.01 25.58 -6.39
C PHE C 187 21.82 24.24 -5.69
N SER C 188 22.46 23.19 -6.19
CA SER C 188 22.48 21.90 -5.49
C SER C 188 23.22 21.91 -4.13
N PHE C 189 23.95 23.00 -3.82
CA PHE C 189 24.58 23.15 -2.48
C PHE C 189 23.62 23.88 -1.53
N TYR C 190 22.55 24.42 -2.10
CA TYR C 190 21.54 25.15 -1.31
C TYR C 190 20.35 24.21 -0.95
N ASN C 191 20.29 23.78 0.31
CA ASN C 191 19.26 22.88 0.80
C ASN C 191 18.40 23.49 1.91
N PRO C 192 17.39 24.33 1.54
CA PRO C 192 16.63 25.09 2.57
C PRO C 192 15.95 24.14 3.54
N GLU C 193 15.78 24.60 4.78
CA GLU C 193 15.06 23.87 5.79
C GLU C 193 13.55 23.81 5.51
N ASN C 194 13.02 24.80 4.79
CA ASN C 194 11.61 24.81 4.40
C ASN C 194 11.36 24.04 3.08
N LEU C 195 10.52 22.99 3.19
CA LEU C 195 10.21 22.11 2.05
C LEU C 195 9.82 22.84 0.76
N THR C 196 8.88 23.78 0.84
CA THR C 196 8.47 24.52 -0.32
C THR C 196 9.67 25.26 -0.97
N ARG C 197 10.50 25.88 -0.14
CA ARG C 197 11.66 26.67 -0.56
C ARG C 197 12.69 25.75 -1.23
N ASP C 198 12.83 24.56 -0.68
CA ASP C 198 13.75 23.54 -1.18
C ASP C 198 13.35 23.13 -2.58
N LYS C 199 12.06 22.77 -2.74
CA LYS C 199 11.47 22.46 -4.07
C LYS C 199 11.59 23.66 -5.05
N PHE C 200 11.29 24.86 -4.57
CA PHE C 200 11.39 26.04 -5.44
C PHE C 200 12.78 26.12 -6.12
N TYR C 201 13.86 26.10 -5.32
CA TYR C 201 15.24 26.19 -5.88
C TYR C 201 15.76 24.90 -6.54
N TRP C 202 15.21 23.75 -6.15
CA TRP C 202 15.53 22.49 -6.83
C TRP C 202 15.30 22.59 -8.32
N TRP C 203 14.18 23.18 -8.74
CA TRP C 203 13.84 23.31 -10.17
C TRP C 203 14.75 24.28 -10.94
N TRP C 204 15.49 25.13 -10.21
CA TRP C 204 16.44 26.06 -10.84
C TRP C 204 17.59 25.24 -11.40
N VAL C 205 17.85 24.08 -10.80
CA VAL C 205 18.78 23.12 -11.41
C VAL C 205 18.09 22.34 -12.54
N VAL C 206 17.03 21.59 -12.24
CA VAL C 206 16.48 20.67 -13.21
C VAL C 206 15.85 21.39 -14.41
N HIS C 207 14.94 22.32 -14.19
CA HIS C 207 14.24 22.99 -15.30
C HIS C 207 15.13 24.01 -16.07
N LEU C 208 15.83 24.88 -15.35
CA LEU C 208 16.65 25.86 -16.04
C LEU C 208 17.82 25.22 -16.74
N TRP C 209 18.14 23.97 -16.36
CA TRP C 209 19.07 23.21 -17.20
C TRP C 209 18.36 22.82 -18.49
N VAL C 210 17.39 21.91 -18.36
CA VAL C 210 16.90 21.07 -19.41
C VAL C 210 15.98 21.87 -20.39
N GLU C 211 15.27 22.92 -19.93
CA GLU C 211 14.50 23.82 -20.81
C GLU C 211 15.15 25.23 -20.98
N GLY C 212 16.43 25.33 -20.59
CA GLY C 212 17.12 26.63 -20.64
C GLY C 212 18.50 26.48 -21.23
N VAL C 213 19.43 26.45 -20.33
CA VAL C 213 20.83 26.48 -20.63
C VAL C 213 21.27 25.21 -21.44
N TRP C 214 20.67 24.02 -21.16
CA TRP C 214 20.97 22.82 -21.98
C TRP C 214 20.50 23.00 -23.44
N GLU C 215 19.48 23.83 -23.61
CA GLU C 215 18.94 24.08 -24.99
C GLU C 215 19.89 24.86 -25.83
N LEU C 216 20.67 25.73 -25.17
CA LEU C 216 21.75 26.47 -25.83
C LEU C 216 22.84 25.47 -26.26
N ILE C 217 23.12 24.48 -25.40
CA ILE C 217 24.17 23.49 -25.71
C ILE C 217 23.70 22.62 -26.90
N MET C 218 22.51 22.02 -26.77
CA MET C 218 21.95 21.26 -27.87
C MET C 218 21.90 22.06 -29.18
N GLY C 219 21.37 23.29 -29.15
CA GLY C 219 21.18 24.07 -30.38
C GLY C 219 22.53 24.34 -31.05
N ALA C 220 23.53 24.70 -30.23
CA ALA C 220 24.87 24.96 -30.71
C ALA C 220 25.50 23.69 -31.30
N ILE C 221 25.35 22.55 -30.64
CA ILE C 221 25.85 21.28 -31.26
C ILE C 221 25.13 21.02 -32.58
N LEU C 222 23.83 21.17 -32.61
CA LEU C 222 23.09 20.94 -33.83
C LEU C 222 23.61 21.91 -34.90
N ALA C 223 23.73 23.20 -34.53
CA ALA C 223 24.16 24.25 -35.46
C ALA C 223 25.52 23.91 -36.10
N PHE C 224 26.51 23.56 -35.28
CA PHE C 224 27.81 23.16 -35.79
C PHE C 224 27.76 21.94 -36.74
N VAL C 225 27.02 20.90 -36.34
CA VAL C 225 26.81 19.73 -37.19
C VAL C 225 26.16 20.10 -38.51
N LEU C 226 25.27 21.09 -38.54
CA LEU C 226 24.62 21.46 -39.79
C LEU C 226 25.56 22.31 -40.68
N VAL C 227 26.41 23.13 -40.05
CA VAL C 227 27.43 23.88 -40.78
C VAL C 227 28.33 22.91 -41.53
N LYS C 228 28.76 21.86 -40.84
CA LYS C 228 29.71 20.89 -41.38
C LYS C 228 29.14 19.91 -42.42
N ILE C 229 27.87 19.57 -42.30
CA ILE C 229 27.27 18.47 -43.08
C ILE C 229 26.49 19.01 -44.26
N THR C 230 26.20 20.30 -44.19
CA THR C 230 25.20 20.87 -45.05
C THR C 230 25.83 21.83 -46.08
N GLY C 231 26.96 22.44 -45.71
CA GLY C 231 27.62 23.46 -46.53
C GLY C 231 26.74 24.70 -46.73
N VAL C 232 25.58 24.76 -46.06
CA VAL C 232 24.78 25.97 -46.00
C VAL C 232 25.55 27.01 -45.19
N ASP C 233 25.25 28.26 -45.51
CA ASP C 233 25.96 29.44 -45.02
C ASP C 233 25.95 29.64 -43.52
N ARG C 234 27.14 29.68 -42.92
CA ARG C 234 27.30 29.93 -41.47
C ARG C 234 26.41 31.09 -40.94
N GLU C 235 26.28 32.16 -41.73
CA GLU C 235 25.50 33.32 -41.35
C GLU C 235 24.02 32.97 -41.15
N VAL C 236 23.45 32.20 -42.06
CA VAL C 236 22.02 31.93 -41.95
C VAL C 236 21.75 30.95 -40.80
N ILE C 237 22.65 29.97 -40.64
CA ILE C 237 22.58 28.99 -39.56
C ILE C 237 22.59 29.71 -38.21
N GLU C 238 23.52 30.68 -38.05
CA GLU C 238 23.72 31.35 -36.74
C GLU C 238 22.55 32.26 -36.35
N LYS C 239 21.95 32.90 -37.34
CA LYS C 239 20.69 33.63 -37.18
C LYS C 239 19.55 32.74 -36.63
N TRP C 240 19.38 31.55 -37.21
CA TRP C 240 18.31 30.70 -36.70
C TRP C 240 18.68 30.28 -35.29
N LEU C 241 19.95 29.90 -35.07
CA LEU C 241 20.42 29.51 -33.73
C LEU C 241 20.03 30.56 -32.71
N TYR C 242 20.20 31.85 -33.04
CA TYR C 242 19.73 32.90 -32.15
C TYR C 242 18.22 32.94 -32.00
N VAL C 243 17.49 32.75 -33.09
CA VAL C 243 16.02 32.68 -32.98
C VAL C 243 15.60 31.57 -32.01
N ILE C 244 16.24 30.40 -32.16
CA ILE C 244 15.86 29.21 -31.37
C ILE C 244 16.12 29.41 -29.89
N ILE C 245 17.31 29.87 -29.50
CA ILE C 245 17.59 30.10 -28.08
C ILE C 245 16.81 31.28 -27.48
N ALA C 246 16.46 32.25 -28.33
CA ALA C 246 15.59 33.34 -27.88
C ALA C 246 14.25 32.78 -27.47
N MET C 247 13.68 31.94 -28.33
CA MET C 247 12.39 31.37 -27.99
C MET C 247 12.47 30.45 -26.76
N ALA C 248 13.53 29.65 -26.67
CA ALA C 248 13.77 28.80 -25.48
C ALA C 248 13.69 29.65 -24.19
N LEU C 249 14.49 30.71 -24.08
CA LEU C 249 14.48 31.54 -22.85
C LEU C 249 13.25 32.44 -22.61
N ILE C 250 12.63 32.91 -23.69
CA ILE C 250 11.41 33.71 -23.56
C ILE C 250 10.27 32.85 -23.08
N SER C 251 10.15 31.65 -23.64
CA SER C 251 9.16 30.72 -23.09
C SER C 251 9.57 30.14 -21.71
N GLY C 252 10.83 29.70 -21.59
CA GLY C 252 11.24 28.81 -20.48
C GLY C 252 11.56 29.40 -19.11
N ILE C 253 11.93 30.68 -19.05
CA ILE C 253 12.32 31.24 -17.75
C ILE C 253 11.11 31.42 -16.83
N ILE C 254 10.05 32.07 -17.32
CA ILE C 254 8.80 32.11 -16.54
C ILE C 254 8.14 30.73 -16.54
N GLY C 255 8.37 29.98 -17.61
CA GLY C 255 7.88 28.60 -17.76
C GLY C 255 8.27 27.66 -16.62
N THR C 256 9.44 27.88 -16.00
CA THR C 256 9.71 27.22 -14.72
C THR C 256 8.44 27.09 -13.85
N GLY C 257 7.48 28.01 -14.00
CA GLY C 257 6.25 28.02 -13.16
C GLY C 257 5.35 26.78 -13.32
N HIS C 258 5.50 26.04 -14.42
CA HIS C 258 4.77 24.81 -14.56
C HIS C 258 5.23 23.79 -13.51
N HIS C 259 6.33 24.06 -12.77
CA HIS C 259 6.71 23.19 -11.62
C HIS C 259 6.32 23.80 -10.30
N TYR C 260 5.55 24.90 -10.37
CA TYR C 260 5.21 25.68 -9.19
C TYR C 260 3.72 25.70 -8.90
N PHE C 261 3.00 24.79 -9.53
CA PHE C 261 1.57 24.63 -9.31
C PHE C 261 1.21 24.18 -7.90
N TRP C 262 1.87 23.12 -7.40
CA TRP C 262 1.34 22.45 -6.20
C TRP C 262 2.39 22.33 -5.10
N ILE C 263 3.51 23.04 -5.20
CA ILE C 263 4.56 22.86 -4.19
C ILE C 263 4.36 23.77 -2.95
N GLY C 264 3.41 24.72 -3.03
CA GLY C 264 3.12 25.60 -1.91
C GLY C 264 3.41 27.08 -2.12
N VAL C 265 3.77 27.45 -3.34
CA VAL C 265 3.96 28.84 -3.74
C VAL C 265 2.63 29.42 -4.32
N PRO C 266 2.57 30.76 -4.48
CA PRO C 266 1.26 31.38 -4.80
C PRO C 266 0.64 30.95 -6.13
N GLY C 267 -0.69 30.99 -6.13
CA GLY C 267 -1.50 30.59 -7.25
C GLY C 267 -1.36 31.44 -8.49
N TYR C 268 -0.62 32.56 -8.43
CA TYR C 268 -0.36 33.24 -9.70
C TYR C 268 0.51 32.35 -10.64
N TRP C 269 1.22 31.40 -10.04
CA TRP C 269 2.13 30.57 -10.81
C TRP C 269 1.29 29.63 -11.68
N LEU C 270 0.09 29.33 -11.21
CA LEU C 270 -0.86 28.58 -12.03
C LEU C 270 -1.03 29.24 -13.40
N TRP C 271 -1.20 30.57 -13.41
CA TRP C 271 -1.36 31.32 -14.68
C TRP C 271 -0.03 31.48 -15.41
N LEU C 272 0.96 32.01 -14.72
CA LEU C 272 2.26 32.25 -15.33
C LEU C 272 2.86 30.96 -15.86
N GLY C 273 2.80 29.90 -15.04
CA GLY C 273 3.37 28.61 -15.40
C GLY C 273 2.71 28.04 -16.62
N SER C 274 1.38 28.02 -16.64
CA SER C 274 0.66 27.48 -17.79
C SER C 274 0.84 28.30 -19.07
N VAL C 275 0.75 29.61 -18.98
CA VAL C 275 0.80 30.42 -20.22
C VAL C 275 2.18 30.41 -20.87
N PHE C 276 3.23 30.62 -20.08
CA PHE C 276 4.55 30.63 -20.70
C PHE C 276 5.01 29.24 -21.14
N SER C 277 4.66 28.18 -20.39
CA SER C 277 5.16 26.85 -20.74
C SER C 277 4.40 26.31 -21.95
N ALA C 278 3.16 26.79 -22.18
CA ALA C 278 2.40 26.52 -23.43
C ALA C 278 3.23 26.84 -24.68
N LEU C 279 4.14 27.82 -24.57
CA LEU C 279 5.06 28.24 -25.67
C LEU C 279 6.40 27.49 -25.75
N GLU C 280 6.83 26.84 -24.67
CA GLU C 280 8.09 26.03 -24.71
C GLU C 280 8.26 24.97 -25.85
N PRO C 281 7.13 24.50 -26.47
CA PRO C 281 7.33 23.72 -27.73
C PRO C 281 8.00 24.49 -28.89
N LEU C 282 7.84 25.80 -28.94
CA LEU C 282 8.24 26.56 -30.14
C LEU C 282 9.68 26.32 -30.56
N PRO C 283 10.68 26.44 -29.62
CA PRO C 283 12.07 26.22 -30.03
C PRO C 283 12.36 24.78 -30.54
N PHE C 284 11.69 23.76 -30.00
CA PHE C 284 11.83 22.40 -30.59
C PHE C 284 11.20 22.35 -31.99
N PHE C 285 10.00 22.91 -32.16
CA PHE C 285 9.44 23.06 -33.50
C PHE C 285 10.38 23.81 -34.50
N ALA C 286 10.94 24.92 -34.06
CA ALA C 286 11.93 25.65 -34.86
C ALA C 286 13.14 24.78 -35.19
N MET C 287 13.65 24.02 -34.22
CA MET C 287 14.75 23.10 -34.53
C MET C 287 14.41 22.05 -35.60
N VAL C 288 13.16 21.55 -35.59
CA VAL C 288 12.70 20.73 -36.70
C VAL C 288 12.68 21.46 -38.04
N LEU C 289 12.12 22.68 -38.11
CA LEU C 289 12.11 23.40 -39.39
C LEU C 289 13.55 23.66 -39.87
N PHE C 290 14.38 24.18 -38.97
CA PHE C 290 15.85 24.30 -39.07
C PHE C 290 16.51 23.09 -39.73
N ALA C 291 16.43 21.92 -39.10
CA ALA C 291 17.24 20.82 -39.61
C ALA C 291 16.72 20.27 -40.95
N PHE C 292 15.41 20.23 -41.09
CA PHE C 292 14.77 19.71 -42.29
C PHE C 292 15.11 20.63 -43.45
N ASN C 293 14.93 21.95 -43.25
CA ASN C 293 15.14 22.95 -44.29
C ASN C 293 16.57 23.09 -44.74
N THR C 294 17.50 23.02 -43.79
CA THR C 294 18.91 23.18 -44.13
C THR C 294 19.58 21.88 -44.58
N ILE C 295 18.98 20.72 -44.32
CA ILE C 295 19.40 19.47 -44.98
C ILE C 295 18.84 19.32 -46.41
N ASN C 296 17.60 19.77 -46.64
CA ASN C 296 17.00 19.88 -47.98
C ASN C 296 17.79 20.82 -48.92
N ARG C 297 18.46 21.82 -48.36
CA ARG C 297 19.18 22.81 -49.15
C ARG C 297 20.69 22.54 -49.14
N ARG C 298 21.09 21.30 -48.82
CA ARG C 298 22.52 20.97 -48.80
C ARG C 298 23.19 21.12 -50.17
N ARG C 299 23.97 22.19 -50.28
CA ARG C 299 24.71 22.56 -51.48
C ARG C 299 25.76 21.50 -51.84
N ARG C 300 26.01 20.57 -50.93
CA ARG C 300 26.87 19.42 -51.20
C ARG C 300 26.31 18.12 -50.58
N ASP C 301 26.77 16.97 -51.09
CA ASP C 301 26.48 15.66 -50.51
C ASP C 301 27.56 15.24 -49.52
N TYR C 302 27.20 14.39 -48.56
CA TYR C 302 28.09 14.04 -47.45
C TYR C 302 28.22 12.51 -47.29
N PRO C 303 29.46 11.99 -47.17
CA PRO C 303 29.78 10.54 -47.14
C PRO C 303 29.15 9.71 -46.00
N ASN C 304 28.88 10.39 -44.90
CA ASN C 304 28.30 9.77 -43.71
C ASN C 304 26.82 10.15 -43.59
N ARG C 305 25.96 9.23 -44.00
CA ARG C 305 24.53 9.50 -44.14
C ARG C 305 23.80 9.21 -42.84
N ALA C 306 24.50 8.58 -41.90
CA ALA C 306 23.99 8.42 -40.54
C ALA C 306 23.94 9.76 -39.78
N VAL C 307 24.91 10.65 -39.97
CA VAL C 307 24.90 11.90 -39.19
C VAL C 307 23.63 12.66 -39.49
N ALA C 308 23.27 12.72 -40.77
CA ALA C 308 22.11 13.48 -41.20
C ALA C 308 20.83 12.90 -40.59
N LEU C 309 20.78 11.58 -40.47
CA LEU C 309 19.62 10.88 -39.89
C LEU C 309 19.55 11.19 -38.40
N TRP C 310 20.68 11.07 -37.73
CA TRP C 310 20.77 11.46 -36.33
C TRP C 310 20.28 12.92 -36.11
N ALA C 311 20.73 13.87 -36.92
CA ALA C 311 20.28 15.25 -36.79
C ALA C 311 18.76 15.47 -37.01
N MET C 312 18.16 14.86 -38.03
CA MET C 312 16.72 15.02 -38.26
C MET C 312 15.97 14.30 -37.15
N GLY C 313 16.55 13.18 -36.71
CA GLY C 313 15.94 12.29 -35.72
C GLY C 313 15.85 12.97 -34.37
N THR C 314 16.98 13.51 -33.93
CA THR C 314 17.04 14.35 -32.73
C THR C 314 15.93 15.40 -32.65
N THR C 315 15.80 16.20 -33.70
CA THR C 315 14.85 17.27 -33.66
C THR C 315 13.40 16.76 -33.62
N VAL C 316 13.06 15.70 -34.39
CA VAL C 316 11.68 15.18 -34.34
C VAL C 316 11.33 14.61 -32.93
N MET C 317 12.22 13.79 -32.37
CA MET C 317 12.01 13.13 -31.08
C MET C 317 11.97 14.13 -29.92
N ALA C 318 12.82 15.17 -29.99
CA ALA C 318 12.84 16.24 -29.00
C ALA C 318 11.52 16.99 -29.07
N PHE C 319 11.11 17.36 -30.28
CA PHE C 319 9.79 17.94 -30.45
C PHE C 319 8.63 17.03 -29.95
N LEU C 320 8.65 15.73 -30.27
CA LEU C 320 7.61 14.83 -29.69
C LEU C 320 7.67 14.74 -28.15
N GLY C 321 8.88 14.50 -27.63
CA GLY C 321 9.04 14.21 -26.21
C GLY C 321 8.96 15.43 -25.32
N ALA C 322 9.63 16.49 -25.74
CA ALA C 322 9.63 17.73 -24.97
C ALA C 322 8.40 18.59 -25.36
N GLY C 323 8.26 18.92 -26.64
CA GLY C 323 7.12 19.75 -27.06
C GLY C 323 5.75 19.11 -26.89
N VAL C 324 5.52 17.97 -27.53
CA VAL C 324 4.16 17.44 -27.57
C VAL C 324 3.78 16.82 -26.21
N TRP C 325 4.64 15.93 -25.72
CA TRP C 325 4.30 15.31 -24.43
C TRP C 325 4.41 16.33 -23.32
N GLY C 326 5.35 17.31 -23.43
CA GLY C 326 5.41 18.35 -22.43
C GLY C 326 4.11 19.14 -22.42
N PHE C 327 3.61 19.52 -23.60
CA PHE C 327 2.43 20.41 -23.70
C PHE C 327 1.23 19.70 -23.11
N MET C 328 1.11 18.41 -23.45
CA MET C 328 -0.01 17.53 -23.00
C MET C 328 -0.30 17.69 -21.52
N HIS C 329 0.75 17.85 -20.69
CA HIS C 329 0.52 17.96 -19.23
C HIS C 329 0.89 19.29 -18.58
N THR C 330 1.18 20.31 -19.38
CA THR C 330 1.77 21.55 -18.84
C THR C 330 0.76 22.58 -18.38
N LEU C 331 -0.51 22.37 -18.71
CA LEU C 331 -1.54 23.25 -18.27
C LEU C 331 -2.10 22.81 -16.92
N ALA C 332 -2.17 23.77 -15.99
CA ALA C 332 -2.49 23.44 -14.61
C ALA C 332 -3.78 22.62 -14.43
N PRO C 333 -4.87 23.01 -15.13
CA PRO C 333 -6.07 22.20 -14.87
C PRO C 333 -5.86 20.76 -15.26
N VAL C 334 -4.96 20.48 -16.18
CA VAL C 334 -4.70 19.05 -16.48
C VAL C 334 -3.64 18.49 -15.46
N ASN C 335 -2.56 19.26 -15.28
CA ASN C 335 -1.48 18.82 -14.43
C ASN C 335 -1.98 18.46 -13.02
N TYR C 336 -3.07 19.11 -12.60
CA TYR C 336 -3.67 18.84 -11.30
C TYR C 336 -3.91 17.35 -11.11
N TYR C 337 -4.47 16.74 -12.15
CA TYR C 337 -4.71 15.29 -12.19
C TYR C 337 -3.50 14.41 -12.46
N THR C 338 -2.54 14.90 -13.27
CA THR C 338 -1.49 14.03 -13.78
C THR C 338 -0.17 14.15 -13.03
N HIS C 339 -0.06 15.12 -12.12
CA HIS C 339 1.21 15.44 -11.48
C HIS C 339 1.75 14.20 -10.73
N GLY C 340 2.98 13.81 -10.98
CA GLY C 340 3.57 12.70 -10.19
C GLY C 340 3.02 11.32 -10.49
N THR C 341 2.86 11.07 -11.77
CA THR C 341 2.14 9.98 -12.30
C THR C 341 3.00 9.26 -13.37
N GLN C 342 2.56 8.09 -13.84
CA GLN C 342 3.33 7.44 -14.91
C GLN C 342 3.43 8.33 -16.19
N LEU C 343 2.54 9.30 -16.33
CA LEU C 343 2.54 10.18 -17.50
C LEU C 343 3.78 11.09 -17.44
N THR C 344 4.15 11.47 -16.23
CA THR C 344 5.39 12.20 -15.99
C THR C 344 6.60 11.38 -16.44
N ALA C 345 6.71 10.13 -15.98
CA ALA C 345 7.81 9.24 -16.41
C ALA C 345 7.83 9.08 -17.94
N ALA C 346 6.65 9.01 -18.59
CA ALA C 346 6.57 8.85 -20.09
C ALA C 346 7.18 10.07 -20.78
N HIS C 347 6.72 11.27 -20.38
CA HIS C 347 7.28 12.49 -20.90
C HIS C 347 8.80 12.59 -20.58
N GLY C 348 9.18 12.33 -19.34
CA GLY C 348 10.61 12.45 -18.98
C GLY C 348 11.55 11.61 -19.81
N HIS C 349 11.16 10.35 -20.08
CA HIS C 349 11.95 9.45 -20.92
C HIS C 349 12.09 9.96 -22.35
N MET C 350 10.98 10.32 -22.99
CA MET C 350 11.06 10.68 -24.40
C MET C 350 11.78 11.99 -24.54
N ALA C 351 11.53 12.95 -23.62
CA ALA C 351 12.19 14.27 -23.74
C ALA C 351 13.71 14.14 -23.53
N PHE C 352 14.13 13.42 -22.49
CA PHE C 352 15.57 13.30 -22.21
C PHE C 352 16.30 12.55 -23.33
N TYR C 353 15.62 11.53 -23.89
CA TYR C 353 16.20 10.75 -24.98
C TYR C 353 16.24 11.54 -26.27
N GLY C 354 15.11 12.16 -26.64
CA GLY C 354 14.97 12.80 -27.96
C GLY C 354 15.83 14.03 -28.10
N ALA C 355 15.98 14.81 -27.01
CA ALA C 355 16.77 16.04 -27.10
C ALA C 355 18.20 15.68 -26.82
N TYR C 356 18.45 15.03 -25.67
CA TYR C 356 19.82 15.01 -25.15
C TYR C 356 20.66 13.76 -25.46
N ALA C 357 20.12 12.57 -25.22
CA ALA C 357 20.83 11.36 -25.67
C ALA C 357 21.08 11.46 -27.18
N MET C 358 20.03 11.76 -27.95
CA MET C 358 20.14 11.85 -29.41
C MET C 358 21.17 12.87 -29.96
N ILE C 359 21.19 14.08 -29.40
CA ILE C 359 22.23 15.07 -29.80
C ILE C 359 23.65 14.61 -29.45
N VAL C 360 23.83 13.98 -28.29
CA VAL C 360 25.15 13.41 -28.01
C VAL C 360 25.57 12.37 -29.04
N MET C 361 24.66 11.47 -29.41
CA MET C 361 24.98 10.45 -30.46
C MET C 361 25.20 11.03 -31.87
N THR C 362 24.56 12.16 -32.17
CA THR C 362 24.72 12.92 -33.40
C THR C 362 26.17 13.48 -33.55
N ILE C 363 26.65 14.15 -32.52
CA ILE C 363 27.98 14.72 -32.54
C ILE C 363 29.03 13.59 -32.61
N ILE C 364 28.77 12.50 -31.87
CA ILE C 364 29.62 11.32 -31.93
C ILE C 364 29.66 10.78 -33.36
N SER C 365 28.49 10.63 -33.99
CA SER C 365 28.38 10.13 -35.37
C SER C 365 29.20 10.96 -36.37
N TYR C 366 29.19 12.29 -36.25
CA TYR C 366 30.03 13.13 -37.09
C TYR C 366 31.53 13.00 -36.72
N ALA C 367 31.84 13.07 -35.42
CA ALA C 367 33.22 13.19 -34.96
C ALA C 367 34.02 11.88 -34.83
N MET C 368 33.34 10.75 -34.61
CA MET C 368 34.05 9.48 -34.36
C MET C 368 34.98 9.00 -35.48
N PRO C 369 34.47 8.89 -36.73
CA PRO C 369 35.36 8.45 -37.79
C PRO C 369 36.62 9.33 -37.91
N ARG C 370 36.46 10.64 -37.79
CA ARG C 370 37.59 11.54 -37.97
C ARG C 370 38.39 11.84 -36.68
N LEU C 371 38.10 11.14 -35.59
CA LEU C 371 38.92 11.20 -34.39
C LEU C 371 39.79 9.95 -34.42
N ARG C 372 39.22 8.86 -34.95
CA ARG C 372 39.90 7.60 -35.16
C ARG C 372 40.74 7.67 -36.46
N GLY C 373 40.79 8.84 -37.08
CA GLY C 373 41.44 8.98 -38.38
C GLY C 373 41.03 7.93 -39.41
N ILE C 374 39.72 7.70 -39.58
CA ILE C 374 39.18 6.81 -40.63
C ILE C 374 38.70 7.60 -41.86
N GLY C 375 38.36 8.86 -41.64
CA GLY C 375 37.85 9.72 -42.70
C GLY C 375 36.58 10.36 -42.23
N GLU C 376 35.82 10.89 -43.19
CA GLU C 376 34.55 11.55 -42.94
C GLU C 376 33.47 10.56 -42.47
N ALA C 377 33.61 9.31 -42.92
CA ALA C 377 32.60 8.29 -42.73
C ALA C 377 33.20 6.89 -42.57
N MET C 378 32.38 5.99 -42.07
CA MET C 378 32.76 4.60 -41.93
C MET C 378 32.30 3.91 -43.19
N ASP C 379 32.75 2.66 -43.38
CA ASP C 379 32.37 1.83 -44.54
C ASP C 379 30.88 1.51 -44.50
N ASN C 380 30.37 0.92 -45.58
CA ASN C 380 28.93 0.73 -45.72
C ASN C 380 28.27 -0.31 -44.79
N ARG C 381 29.02 -1.30 -44.32
CA ARG C 381 28.51 -2.29 -43.34
C ARG C 381 28.32 -1.67 -41.93
N SER C 382 29.31 -0.86 -41.52
CA SER C 382 29.24 -0.10 -40.28
C SER C 382 28.09 0.92 -40.31
N GLN C 383 27.84 1.52 -41.46
CA GLN C 383 26.81 2.56 -41.57
C GLN C 383 25.37 2.01 -41.52
N VAL C 384 25.17 0.76 -41.95
CA VAL C 384 23.84 0.16 -41.84
C VAL C 384 23.52 -0.26 -40.39
N LEU C 385 24.52 -0.79 -39.67
CA LEU C 385 24.47 -1.01 -38.20
C LEU C 385 24.08 0.26 -37.39
N GLU C 386 24.89 1.33 -37.48
CA GLU C 386 24.53 2.65 -36.90
C GLU C 386 23.08 3.01 -37.17
N MET C 387 22.65 2.94 -38.43
CA MET C 387 21.23 3.21 -38.76
C MET C 387 20.23 2.22 -38.08
N TRP C 388 20.56 0.93 -38.07
CA TRP C 388 19.74 -0.08 -37.40
C TRP C 388 19.60 0.25 -35.90
N GLY C 389 20.73 0.58 -35.26
CA GLY C 389 20.73 0.98 -33.86
C GLY C 389 19.93 2.27 -33.58
N PHE C 390 19.99 3.23 -34.51
CA PHE C 390 19.13 4.42 -34.45
C PHE C 390 17.62 4.07 -34.43
N TRP C 391 17.18 3.18 -35.32
CA TRP C 391 15.75 2.89 -35.47
C TRP C 391 15.23 2.03 -34.34
N LEU C 392 16.06 1.07 -33.91
CA LEU C 392 15.72 0.19 -32.81
C LEU C 392 15.58 0.99 -31.51
N MET C 393 16.62 1.75 -31.15
CA MET C 393 16.53 2.62 -29.95
C MET C 393 15.39 3.59 -30.04
N THR C 394 15.27 4.29 -31.16
CA THR C 394 14.26 5.31 -31.28
C THR C 394 12.81 4.76 -31.28
N VAL C 395 12.56 3.67 -32.02
CA VAL C 395 11.23 3.08 -32.03
C VAL C 395 10.93 2.50 -30.64
N ALA C 396 11.92 1.84 -30.03
CA ALA C 396 11.68 1.29 -28.69
C ALA C 396 11.24 2.40 -27.73
N MET C 397 12.00 3.49 -27.72
CA MET C 397 11.66 4.66 -26.90
C MET C 397 10.26 5.19 -27.19
N VAL C 398 9.80 5.21 -28.45
CA VAL C 398 8.37 5.60 -28.64
C VAL C 398 7.41 4.62 -27.98
N PHE C 399 7.81 3.36 -27.98
CA PHE C 399 6.95 2.35 -27.39
C PHE C 399 6.99 2.45 -25.87
N ILE C 400 8.19 2.65 -25.30
CA ILE C 400 8.31 2.96 -23.88
C ILE C 400 7.36 4.11 -23.51
N THR C 401 7.36 5.16 -24.33
CA THR C 401 6.53 6.34 -24.06
C THR C 401 5.04 6.06 -24.14
N LEU C 402 4.62 5.32 -25.19
CA LEU C 402 3.20 4.97 -25.35
C LEU C 402 2.66 4.07 -24.25
N PHE C 403 3.49 3.12 -23.81
CA PHE C 403 3.05 2.16 -22.79
C PHE C 403 2.87 2.79 -21.41
N LEU C 404 3.83 3.66 -21.05
CA LEU C 404 3.77 4.46 -19.84
C LEU C 404 2.66 5.52 -19.94
N SER C 405 2.40 6.02 -21.15
CA SER C 405 1.31 6.98 -21.29
C SER C 405 -0.01 6.27 -21.03
N ALA C 406 -0.16 5.03 -21.54
CA ALA C 406 -1.41 4.30 -21.35
C ALA C 406 -1.59 4.00 -19.84
N ALA C 407 -0.50 3.56 -19.19
CA ALA C 407 -0.43 3.35 -17.75
C ALA C 407 -0.80 4.64 -16.97
N GLY C 408 -0.23 5.76 -17.40
CA GLY C 408 -0.55 7.07 -16.80
C GLY C 408 -2.01 7.44 -16.93
N VAL C 409 -2.60 7.23 -18.10
CA VAL C 409 -4.05 7.49 -18.29
C VAL C 409 -4.88 6.63 -17.35
N LEU C 410 -4.60 5.33 -17.30
CA LEU C 410 -5.42 4.44 -16.44
C LEU C 410 -5.18 4.80 -14.96
N GLN C 411 -3.92 5.05 -14.59
CA GLN C 411 -3.63 5.54 -13.24
C GLN C 411 -4.48 6.75 -12.86
N VAL C 412 -4.53 7.76 -13.74
CA VAL C 412 -5.31 8.96 -13.43
C VAL C 412 -6.83 8.70 -13.31
N TRP C 413 -7.30 7.90 -14.24
CA TRP C 413 -8.69 7.44 -14.29
C TRP C 413 -9.02 6.70 -12.99
N LEU C 414 -8.15 5.79 -12.53
CA LEU C 414 -8.52 4.97 -11.34
C LEU C 414 -8.28 5.64 -10.00
N GLN C 415 -7.20 6.41 -9.93
CA GLN C 415 -6.63 6.84 -8.66
C GLN C 415 -7.01 8.29 -8.49
N ARG C 416 -6.87 9.10 -9.54
CA ARG C 416 -6.97 10.55 -9.37
C ARG C 416 -8.34 11.22 -9.57
N MET C 417 -9.08 10.78 -10.58
CA MET C 417 -10.45 11.34 -10.87
C MET C 417 -11.62 11.03 -9.90
N PRO C 418 -11.71 9.78 -9.40
CA PRO C 418 -12.91 9.59 -8.55
C PRO C 418 -12.76 10.24 -7.18
N ALA C 419 -13.87 10.44 -6.49
CA ALA C 419 -13.91 10.88 -5.08
C ALA C 419 -13.41 9.82 -4.07
N ASP C 420 -13.07 10.31 -2.87
CA ASP C 420 -12.75 9.47 -1.76
C ASP C 420 -13.77 8.34 -1.65
N GLY C 421 -13.30 7.11 -1.41
CA GLY C 421 -14.18 5.92 -1.35
C GLY C 421 -14.20 5.21 -2.70
N ALA C 422 -14.38 5.99 -3.78
CA ALA C 422 -14.49 5.47 -5.13
C ALA C 422 -13.10 5.42 -5.78
N ALA C 423 -12.18 6.30 -5.41
CA ALA C 423 -10.85 6.20 -5.99
C ALA C 423 -10.13 4.93 -5.47
N MET C 424 -9.39 4.27 -6.37
CA MET C 424 -8.58 3.10 -6.07
C MET C 424 -7.26 3.51 -5.35
N THR C 425 -6.68 2.65 -4.50
CA THR C 425 -5.51 3.06 -3.72
C THR C 425 -4.29 2.98 -4.64
N PHE C 426 -3.19 3.65 -4.25
CA PHE C 426 -1.93 3.55 -4.99
C PHE C 426 -1.54 2.12 -5.37
N MET C 427 -1.49 1.24 -4.41
CA MET C 427 -0.95 -0.09 -4.65
C MET C 427 -1.95 -0.89 -5.50
N ALA C 428 -3.24 -0.74 -5.22
CA ALA C 428 -4.20 -1.47 -6.08
C ALA C 428 -4.15 -0.99 -7.52
N THR C 429 -4.06 0.33 -7.71
CA THR C 429 -3.93 0.87 -9.10
C THR C 429 -2.74 0.25 -9.82
N GLN C 430 -1.59 0.18 -9.15
CA GLN C 430 -0.38 -0.33 -9.76
C GLN C 430 -0.55 -1.75 -10.24
N ASP C 431 -1.22 -2.61 -9.48
CA ASP C 431 -1.53 -3.91 -9.97
C ASP C 431 -2.34 -3.83 -11.23
N GLN C 432 -3.26 -2.85 -11.38
CA GLN C 432 -4.04 -2.76 -12.63
C GLN C 432 -3.19 -2.36 -13.83
N LEU C 433 -2.01 -1.84 -13.55
CA LEU C 433 -1.17 -1.27 -14.63
C LEU C 433 -0.12 -2.28 -15.08
N ALA C 434 -0.10 -3.46 -14.44
CA ALA C 434 0.93 -4.51 -14.63
C ALA C 434 1.28 -4.75 -16.10
N ILE C 435 0.23 -4.89 -16.91
CA ILE C 435 0.39 -5.22 -18.32
C ILE C 435 1.20 -4.17 -19.07
N PHE C 436 0.90 -2.88 -18.81
CA PHE C 436 1.66 -1.83 -19.46
C PHE C 436 3.10 -1.87 -19.00
N TYR C 437 3.31 -2.35 -17.78
CA TYR C 437 4.67 -2.39 -17.26
C TYR C 437 5.46 -3.52 -17.86
N TRP C 438 4.84 -4.70 -18.05
CA TRP C 438 5.53 -5.78 -18.80
C TRP C 438 5.92 -5.32 -20.22
N LEU C 439 5.01 -4.62 -20.91
CA LEU C 439 5.24 -4.16 -22.26
C LEU C 439 6.40 -3.18 -22.25
N ARG C 440 6.37 -2.20 -21.33
CA ARG C 440 7.49 -1.26 -21.17
C ARG C 440 8.80 -2.03 -21.00
N GLU C 441 8.81 -3.00 -20.09
CA GLU C 441 9.99 -3.85 -19.91
C GLU C 441 10.48 -4.51 -21.22
N GLY C 442 9.60 -5.21 -21.94
CA GLY C 442 9.93 -5.70 -23.31
C GLY C 442 10.47 -4.61 -24.25
N ALA C 443 9.80 -3.46 -24.32
CA ALA C 443 10.34 -2.32 -25.09
C ALA C 443 11.77 -1.97 -24.62
N GLY C 444 11.99 -2.05 -23.32
CA GLY C 444 13.28 -1.71 -22.74
C GLY C 444 14.31 -2.71 -23.26
N VAL C 445 13.92 -3.95 -23.45
CA VAL C 445 14.85 -4.97 -23.98
C VAL C 445 15.25 -4.62 -25.44
N VAL C 446 14.28 -4.19 -26.27
CA VAL C 446 14.54 -3.86 -27.67
C VAL C 446 15.49 -2.68 -27.68
N PHE C 447 15.31 -1.76 -26.72
CA PHE C 447 16.19 -0.63 -26.63
C PHE C 447 17.66 -1.02 -26.40
N LEU C 448 17.91 -1.92 -25.46
CA LEU C 448 19.27 -2.35 -25.15
C LEU C 448 19.90 -3.00 -26.39
N ILE C 449 19.11 -3.82 -27.08
CA ILE C 449 19.54 -4.47 -28.32
C ILE C 449 19.97 -3.40 -29.34
N GLY C 450 19.13 -2.38 -29.51
CA GLY C 450 19.46 -1.21 -30.32
C GLY C 450 20.78 -0.56 -29.92
N LEU C 451 20.96 -0.33 -28.62
CA LEU C 451 22.22 0.18 -28.08
C LEU C 451 23.44 -0.73 -28.38
N VAL C 452 23.25 -2.07 -28.27
CA VAL C 452 24.28 -3.03 -28.67
C VAL C 452 24.58 -2.87 -30.18
N ALA C 453 23.55 -2.98 -31.02
CA ALA C 453 23.69 -2.70 -32.46
C ALA C 453 24.38 -1.36 -32.75
N TYR C 454 24.00 -0.30 -32.03
CA TYR C 454 24.70 0.98 -32.22
C TYR C 454 26.17 0.86 -31.87
N LEU C 455 26.48 0.33 -30.70
CA LEU C 455 27.87 0.13 -30.30
C LEU C 455 28.67 -0.77 -31.25
N LEU C 456 28.10 -1.89 -31.71
CA LEU C 456 28.84 -2.74 -32.67
C LEU C 456 29.10 -2.06 -34.05
N SER C 457 28.54 -0.88 -34.27
CA SER C 457 28.83 -0.15 -35.50
C SER C 457 30.23 0.52 -35.54
N PHE C 458 30.97 0.48 -34.43
CA PHE C 458 32.33 1.05 -34.38
C PHE C 458 33.44 0.07 -34.80
N PHE D 5 15.19 40.74 -41.93
CA PHE D 5 15.44 40.02 -40.63
C PHE D 5 16.82 39.41 -40.59
N THR D 6 17.69 39.97 -39.75
CA THR D 6 19.13 39.63 -39.74
C THR D 6 19.57 38.83 -38.50
N LYS D 7 20.79 38.28 -38.58
CA LYS D 7 21.50 37.69 -37.47
C LYS D 7 21.52 38.65 -36.27
N GLY D 8 21.98 39.87 -36.55
CA GLY D 8 22.05 40.96 -35.57
C GLY D 8 20.73 41.18 -34.86
N MET D 9 19.63 41.21 -35.63
CA MET D 9 18.29 41.35 -35.02
C MET D 9 17.96 40.18 -34.08
N ALA D 10 18.25 38.96 -34.55
CA ALA D 10 17.94 37.78 -33.79
C ALA D 10 18.73 37.81 -32.48
N ARG D 11 20.02 38.14 -32.58
CA ARG D 11 20.86 38.25 -31.39
C ARG D 11 20.36 39.30 -30.36
N ASN D 12 19.85 40.44 -30.83
CA ASN D 12 19.34 41.46 -29.89
C ASN D 12 18.07 41.03 -29.20
N ILE D 13 17.22 40.30 -29.93
CA ILE D 13 16.01 39.74 -29.37
C ILE D 13 16.35 38.74 -28.25
N TYR D 14 17.24 37.80 -28.55
CA TYR D 14 17.85 36.90 -27.55
C TYR D 14 18.40 37.65 -26.35
N PHE D 15 19.16 38.73 -26.57
CA PHE D 15 19.66 39.51 -25.46
C PHE D 15 18.56 40.20 -24.63
N GLY D 16 17.72 40.99 -25.28
CA GLY D 16 16.71 41.77 -24.57
C GLY D 16 15.74 40.87 -23.84
N GLY D 17 15.21 39.88 -24.57
CA GLY D 17 14.30 38.90 -24.02
C GLY D 17 14.85 38.15 -22.81
N SER D 18 16.07 37.65 -22.88
CA SER D 18 16.63 36.99 -21.70
C SER D 18 16.77 37.88 -20.49
N VAL D 19 17.30 39.10 -20.66
CA VAL D 19 17.49 39.98 -19.52
C VAL D 19 16.16 40.38 -18.86
N PHE D 20 15.21 40.84 -19.68
CA PHE D 20 13.85 41.18 -19.22
C PHE D 20 13.23 40.04 -18.40
N PHE D 21 13.13 38.87 -19.02
CA PHE D 21 12.50 37.75 -18.30
C PHE D 21 13.35 37.26 -17.11
N ILE D 22 14.69 37.37 -17.18
CA ILE D 22 15.52 37.09 -16.01
C ILE D 22 15.10 37.99 -14.83
N LEU D 23 14.96 39.30 -15.09
CA LEU D 23 14.53 40.29 -14.09
C LEU D 23 13.08 40.08 -13.63
N LEU D 24 12.17 39.81 -14.56
CA LEU D 24 10.80 39.48 -14.18
C LEU D 24 10.83 38.31 -13.17
N PHE D 25 11.58 37.26 -13.53
CA PHE D 25 11.62 36.04 -12.73
C PHE D 25 12.12 36.25 -11.30
N LEU D 26 13.18 37.05 -11.15
CA LEU D 26 13.74 37.36 -9.83
C LEU D 26 12.74 38.20 -9.02
N ALA D 27 12.09 39.16 -9.69
CA ALA D 27 11.01 39.95 -9.06
C ALA D 27 9.91 39.00 -8.53
N LEU D 28 9.45 38.06 -9.37
CA LEU D 28 8.44 37.08 -8.91
C LEU D 28 8.97 36.24 -7.75
N THR D 29 10.21 35.81 -7.86
CA THR D 29 10.89 35.04 -6.80
C THR D 29 10.97 35.77 -5.48
N TYR D 30 11.33 37.06 -5.52
CA TYR D 30 11.33 37.91 -4.30
C TYR D 30 9.94 37.91 -3.65
N HIS D 31 8.90 38.16 -4.44
CA HIS D 31 7.53 38.21 -3.94
C HIS D 31 7.10 36.87 -3.35
N THR D 32 7.17 35.83 -4.16
CA THR D 32 6.89 34.47 -3.70
C THR D 32 7.58 34.18 -2.36
N GLU D 33 8.84 34.56 -2.24
CA GLU D 33 9.60 34.33 -1.01
C GLU D 33 8.89 34.92 0.20
N LYS D 34 8.29 36.10 0.03
CA LYS D 34 7.68 36.82 1.14
C LYS D 34 6.39 36.17 1.60
N THR D 35 5.75 35.40 0.71
CA THR D 35 4.47 34.72 0.99
C THR D 35 4.64 33.36 1.69
N LEU D 36 5.86 32.82 1.65
CA LEU D 36 6.09 31.43 2.13
C LEU D 36 5.79 31.19 3.63
N PRO D 37 6.29 32.07 4.54
CA PRO D 37 5.89 32.05 5.95
C PRO D 37 4.40 31.74 6.20
N GLU D 38 3.49 32.42 5.52
CA GLU D 38 2.06 32.10 5.65
C GLU D 38 1.58 30.79 4.95
N ARG D 39 1.91 30.62 3.68
CA ARG D 39 1.45 29.48 2.89
C ARG D 39 1.89 28.16 3.52
N THR D 40 3.12 28.14 4.00
CA THR D 40 3.69 26.93 4.53
C THR D 40 3.50 26.78 6.02
N ASN D 41 2.83 27.78 6.63
CA ASN D 41 2.72 27.85 8.10
C ASN D 41 4.09 27.65 8.78
N GLU D 42 5.08 28.44 8.37
CA GLU D 42 6.44 28.37 8.92
C GLU D 42 6.54 28.53 10.46
N ALA D 43 5.57 29.21 11.07
CA ALA D 43 5.50 29.29 12.54
C ALA D 43 5.57 27.87 13.16
N ALA D 44 4.85 26.93 12.57
CA ALA D 44 4.88 25.53 13.03
C ALA D 44 6.13 24.73 12.62
N MET D 45 7.00 25.29 11.77
CA MET D 45 8.11 24.51 11.26
C MET D 45 9.17 24.23 12.34
N SER D 46 8.86 23.25 13.20
CA SER D 46 9.56 23.06 14.45
C SER D 46 10.92 22.40 14.26
N ALA D 47 11.70 22.36 15.34
CA ALA D 47 13.00 21.68 15.37
C ALA D 47 12.77 20.20 15.00
N ALA D 48 11.65 19.65 15.49
CA ALA D 48 11.25 18.27 15.19
C ALA D 48 11.02 18.10 13.68
N VAL D 49 10.27 19.01 13.07
CA VAL D 49 10.05 18.85 11.61
C VAL D 49 11.32 18.98 10.77
N VAL D 50 12.20 19.88 11.18
CA VAL D 50 13.45 20.15 10.44
C VAL D 50 14.40 18.95 10.59
N ARG D 51 14.48 18.34 11.77
CA ARG D 51 15.19 17.04 11.88
C ARG D 51 14.50 15.92 11.06
N GLY D 52 13.17 15.97 10.93
CA GLY D 52 12.45 14.98 10.13
C GLY D 52 12.82 15.09 8.66
N LYS D 53 12.95 16.32 8.18
CA LYS D 53 13.46 16.55 6.82
C LYS D 53 14.80 15.87 6.63
N LEU D 54 15.76 16.04 7.57
CA LEU D 54 17.05 15.28 7.50
C LEU D 54 16.93 13.75 7.39
N VAL D 55 16.07 13.16 8.22
CA VAL D 55 15.73 11.72 8.16
C VAL D 55 15.19 11.34 6.77
N TRP D 56 14.21 12.10 6.30
CA TRP D 56 13.67 11.90 4.94
C TRP D 56 14.82 11.84 3.89
N GLU D 57 15.70 12.86 3.96
CA GLU D 57 16.84 12.99 3.06
C GLU D 57 17.86 11.86 3.20
N GLN D 58 18.28 11.59 4.42
CA GLN D 58 19.32 10.61 4.66
C GLN D 58 18.92 9.20 4.29
N ASN D 59 17.63 8.91 4.28
CA ASN D 59 17.17 7.56 3.87
C ASN D 59 16.55 7.49 2.47
N ASN D 60 16.66 8.61 1.77
CA ASN D 60 16.23 8.72 0.39
C ASN D 60 14.80 8.20 0.18
N CYS D 61 13.86 8.58 1.06
CA CYS D 61 12.47 8.14 0.90
C CYS D 61 11.97 8.52 -0.50
N VAL D 62 12.52 9.62 -1.03
CA VAL D 62 12.07 10.18 -2.31
C VAL D 62 12.55 9.33 -3.47
N GLY D 63 13.44 8.35 -3.20
CA GLY D 63 13.90 7.44 -4.26
C GLY D 63 12.82 6.38 -4.60
N CYS D 64 11.76 6.29 -3.78
CA CYS D 64 10.61 5.40 -4.05
C CYS D 64 9.29 6.16 -4.00
N HIS D 65 9.20 7.22 -3.19
CA HIS D 65 7.91 7.89 -2.93
C HIS D 65 7.81 9.28 -3.59
N THR D 66 6.60 9.80 -3.79
CA THR D 66 6.45 11.23 -4.14
C THR D 66 6.11 11.99 -2.85
N LEU D 67 6.43 13.27 -2.80
CA LEU D 67 6.00 14.21 -1.72
C LEU D 67 5.55 15.48 -2.41
N LEU D 68 4.33 15.94 -2.14
CA LEU D 68 3.70 17.00 -2.93
C LEU D 68 3.81 16.64 -4.41
N GLY D 69 3.81 15.34 -4.71
CA GLY D 69 3.76 14.89 -6.06
C GLY D 69 5.07 14.86 -6.84
N GLU D 70 6.19 15.08 -6.16
CA GLU D 70 7.52 15.02 -6.79
C GLU D 70 8.31 13.89 -6.12
N GLY D 71 9.14 13.21 -6.93
CA GLY D 71 10.07 12.20 -6.44
C GLY D 71 9.91 10.96 -7.31
N ALA D 72 9.83 9.78 -6.70
CA ALA D 72 9.75 8.55 -7.50
C ALA D 72 8.31 7.96 -7.51
N TYR D 73 7.99 7.00 -8.39
CA TYR D 73 6.57 6.62 -8.59
C TYR D 73 6.39 5.17 -8.26
N PHE D 74 7.27 4.63 -7.40
CA PHE D 74 7.31 3.23 -7.09
C PHE D 74 6.35 2.96 -5.95
N ALA D 75 6.17 3.98 -5.10
CA ALA D 75 5.42 3.81 -3.84
C ALA D 75 4.51 5.03 -3.65
N PRO D 76 3.63 5.01 -2.63
CA PRO D 76 2.61 6.08 -2.55
C PRO D 76 3.10 7.50 -2.26
N GLU D 77 2.22 8.45 -2.57
CA GLU D 77 2.33 9.85 -2.22
C GLU D 77 2.28 10.01 -0.72
N LEU D 78 3.34 10.57 -0.14
CA LEU D 78 3.45 10.65 1.34
C LEU D 78 3.04 12.00 1.91
N GLY D 79 2.74 12.96 1.02
CA GLY D 79 2.22 14.26 1.39
C GLY D 79 0.90 14.23 2.16
N ASN D 80 0.04 13.29 1.89
CA ASN D 80 -1.25 13.25 2.59
C ASN D 80 -1.48 11.94 3.28
N VAL D 81 -0.39 11.19 3.48
CA VAL D 81 -0.48 9.83 4.05
C VAL D 81 -1.15 9.89 5.43
N VAL D 82 -0.93 11.00 6.12
CA VAL D 82 -1.45 11.21 7.47
C VAL D 82 -2.97 11.11 7.47
N GLY D 83 -3.59 11.36 6.31
CA GLY D 83 -5.03 11.27 6.17
C GLY D 83 -5.52 9.85 5.93
N ARG D 84 -4.67 8.95 5.44
CA ARG D 84 -5.05 7.54 5.25
C ARG D 84 -4.66 6.68 6.47
N ARG D 85 -3.90 7.23 7.42
CA ARG D 85 -3.30 6.40 8.52
C ARG D 85 -3.44 6.94 9.97
N GLY D 86 -4.68 7.11 10.47
CA GLY D 86 -4.91 7.60 11.84
C GLY D 86 -4.94 9.10 12.17
N GLY D 87 -4.78 9.95 11.16
CA GLY D 87 -5.00 11.37 11.32
C GLY D 87 -4.01 12.11 12.21
N GLU D 88 -4.33 13.36 12.51
CA GLU D 88 -3.60 14.13 13.52
C GLU D 88 -3.16 13.27 14.71
N GLU D 89 -4.13 12.80 15.48
CA GLU D 89 -3.87 12.22 16.79
C GLU D 89 -3.07 10.88 16.82
N GLY D 90 -3.33 9.97 15.89
CA GLY D 90 -2.68 8.65 15.96
C GLY D 90 -1.57 8.41 14.95
N PHE D 91 -1.23 9.41 14.13
CA PHE D 91 -0.27 9.15 13.05
C PHE D 91 1.17 8.82 13.50
N ASN D 92 1.68 9.53 14.50
CA ASN D 92 3.00 9.23 15.04
C ASN D 92 3.15 7.76 15.49
N THR D 93 2.15 7.28 16.26
CA THR D 93 2.08 5.90 16.71
C THR D 93 2.01 4.93 15.54
N PHE D 94 1.21 5.23 14.52
CA PHE D 94 1.19 4.39 13.33
C PHE D 94 2.58 4.29 12.67
N LEU D 95 3.23 5.45 12.52
CA LEU D 95 4.52 5.48 11.84
C LEU D 95 5.60 4.66 12.56
N GLN D 96 5.60 4.72 13.89
CA GLN D 96 6.53 3.87 14.65
C GLN D 96 6.32 2.41 14.29
N ALA D 97 5.06 1.94 14.21
CA ALA D 97 4.84 0.52 13.91
C ALA D 97 5.27 0.31 12.46
N TRP D 98 4.85 1.23 11.58
CA TRP D 98 5.13 1.08 10.14
C TRP D 98 6.62 0.91 9.79
N MET D 99 7.45 1.73 10.41
CA MET D 99 8.92 1.63 10.16
C MET D 99 9.52 0.36 10.73
N LYS D 100 9.03 -0.08 11.89
CA LYS D 100 9.54 -1.31 12.55
C LYS D 100 9.21 -2.56 11.73
N ILE D 101 8.07 -2.60 11.03
CA ILE D 101 7.57 -3.92 10.55
C ILE D 101 8.12 -4.31 9.15
N GLN D 102 8.93 -3.42 8.57
CA GLN D 102 9.38 -3.56 7.18
C GLN D 102 10.54 -4.50 7.24
N PRO D 103 10.75 -5.30 6.18
CA PRO D 103 9.87 -5.30 4.98
C PRO D 103 8.68 -6.25 5.23
N LEU D 104 7.57 -6.07 4.53
CA LEU D 104 6.39 -6.91 4.82
C LEU D 104 6.55 -8.33 4.32
N ASN D 105 7.40 -8.53 3.30
CA ASN D 105 7.73 -9.85 2.79
C ASN D 105 6.55 -10.53 2.13
N VAL D 106 5.70 -9.75 1.47
CA VAL D 106 4.70 -10.45 0.67
C VAL D 106 5.26 -10.90 -0.68
N PRO D 107 5.12 -12.18 -1.03
CA PRO D 107 5.81 -12.61 -2.25
C PRO D 107 5.37 -11.82 -3.48
N GLY D 108 6.34 -11.31 -4.23
CA GLY D 108 6.05 -10.50 -5.43
C GLY D 108 5.60 -9.05 -5.18
N ARG D 109 5.48 -8.62 -3.92
CA ARG D 109 5.00 -7.25 -3.70
C ARG D 109 6.16 -6.24 -3.60
N ARG D 110 5.91 -5.03 -4.09
CA ARG D 110 6.85 -3.94 -3.96
C ARG D 110 7.31 -3.83 -2.51
N ALA D 111 8.60 -3.83 -2.30
CA ALA D 111 9.12 -3.95 -0.92
C ALA D 111 9.77 -2.67 -0.44
N MET D 112 9.50 -2.33 0.81
CA MET D 112 10.14 -1.17 1.44
C MET D 112 11.22 -1.63 2.44
N PRO D 113 12.38 -0.91 2.52
CA PRO D 113 13.47 -1.43 3.41
C PRO D 113 13.28 -1.23 4.91
N GLN D 114 14.08 -1.95 5.70
CA GLN D 114 14.09 -1.73 7.15
C GLN D 114 15.16 -0.69 7.36
N PHE D 115 14.83 0.44 7.97
CA PHE D 115 15.87 1.47 8.10
C PHE D 115 16.50 1.53 9.49
N HIS D 116 16.03 0.68 10.41
CA HIS D 116 16.62 0.66 11.75
C HIS D 116 16.67 2.07 12.39
N LEU D 117 15.64 2.88 12.16
CA LEU D 117 15.54 4.23 12.72
C LEU D 117 15.25 4.20 14.21
N SER D 118 15.81 5.15 14.95
CA SER D 118 15.47 5.25 16.37
C SER D 118 14.10 5.88 16.45
N GLU D 119 13.52 5.84 17.65
CA GLU D 119 12.16 6.29 17.87
C GLU D 119 12.08 7.81 17.82
N GLY D 120 13.18 8.48 18.22
CA GLY D 120 13.34 9.91 18.07
C GLY D 120 13.29 10.34 16.60
N GLN D 121 14.10 9.66 15.77
CA GLN D 121 14.10 9.88 14.32
C GLN D 121 12.72 9.67 13.65
N VAL D 122 12.01 8.61 14.03
CA VAL D 122 10.71 8.31 13.43
C VAL D 122 9.67 9.33 13.84
N ASP D 123 9.79 9.76 15.10
CA ASP D 123 8.94 10.85 15.60
C ASP D 123 9.23 12.18 14.90
N ASP D 124 10.49 12.43 14.60
CA ASP D 124 10.84 13.64 13.83
C ASP D 124 10.23 13.49 12.41
N LEU D 125 10.36 12.31 11.81
CA LEU D 125 9.77 11.99 10.51
C LEU D 125 8.28 12.28 10.51
N ALA D 126 7.58 11.79 11.53
CA ALA D 126 6.13 11.99 11.59
C ALA D 126 5.72 13.45 11.65
N GLU D 127 6.42 14.24 12.47
CA GLU D 127 6.16 15.68 12.58
C GLU D 127 6.40 16.38 11.26
N PHE D 128 7.44 15.94 10.54
CA PHE D 128 7.73 16.50 9.22
C PHE D 128 6.63 16.20 8.22
N LEU D 129 6.10 14.98 8.23
CA LEU D 129 5.08 14.61 7.25
C LEU D 129 3.76 15.22 7.62
N LYS D 130 3.46 15.28 8.91
CA LYS D 130 2.29 15.99 9.38
C LYS D 130 2.32 17.44 8.94
N TRP D 131 3.47 18.10 9.09
CA TRP D 131 3.59 19.54 8.77
C TRP D 131 3.47 19.72 7.25
N SER D 132 4.20 18.89 6.50
CA SER D 132 4.12 18.90 5.05
C SER D 132 2.71 18.84 4.55
N SER D 133 1.89 18.02 5.21
CA SER D 133 0.54 17.75 4.78
C SER D 133 -0.32 18.98 4.86
N LYS D 134 0.15 19.98 5.59
CA LYS D 134 -0.65 21.18 5.81
C LYS D 134 -0.21 22.39 4.96
N ILE D 135 0.79 22.23 4.11
CA ILE D 135 1.18 23.32 3.20
C ILE D 135 0.03 23.71 2.24
N ASP D 136 -0.17 25.01 2.02
CA ASP D 136 -1.19 25.46 1.04
C ASP D 136 -0.65 25.17 -0.34
N THR D 137 -1.32 24.26 -0.99
CA THR D 137 -0.73 23.56 -2.10
C THR D 137 -1.70 23.79 -3.25
N ASN D 138 -2.59 24.75 -3.04
CA ASN D 138 -3.68 25.03 -3.97
C ASN D 138 -4.56 23.80 -4.17
N GLN D 139 -4.76 23.05 -3.09
CA GLN D 139 -5.74 21.95 -3.02
C GLN D 139 -5.25 20.66 -3.69
N TRP D 140 -3.95 20.58 -4.02
CA TRP D 140 -3.38 19.32 -4.51
C TRP D 140 -3.10 18.38 -3.30
N PRO D 141 -3.34 17.06 -3.43
CA PRO D 141 -3.86 16.22 -4.52
C PRO D 141 -5.39 16.27 -4.63
N PRO D 142 -5.93 15.71 -5.73
CA PRO D 142 -7.38 15.62 -6.00
C PRO D 142 -8.21 14.90 -4.89
N ASN D 143 -7.67 13.85 -4.27
CA ASN D 143 -8.39 13.10 -3.20
C ASN D 143 -7.38 12.49 -2.18
N LYS D 144 -7.92 11.83 -1.15
CA LYS D 144 -7.16 11.22 -0.06
C LYS D 144 -6.15 10.14 -0.51
N GLU D 145 -6.28 9.62 -1.73
CA GLU D 145 -5.33 8.60 -2.21
C GLU D 145 -3.97 9.18 -2.71
N GLY D 146 -3.89 10.49 -2.86
CA GLY D 146 -2.64 11.09 -3.37
C GLY D 146 -2.37 10.74 -4.83
CHA HEM E . 13.64 6.92 -14.25
CHB HEM E . 13.09 2.63 -16.47
CHC HEM E . 15.75 4.12 -20.20
CHD HEM E . 15.62 8.53 -18.40
C1A HEM E . 13.21 5.64 -14.58
C2A HEM E . 12.32 4.79 -13.78
C3A HEM E . 12.20 3.61 -14.39
C4A HEM E . 12.98 3.73 -15.62
CMA HEM E . 11.44 2.34 -14.07
CAA HEM E . 11.82 5.23 -12.39
CBA HEM E . 10.39 5.71 -12.43
CGA HEM E . 10.00 5.69 -10.99
O1A HEM E . 9.05 4.96 -10.63
O2A HEM E . 10.43 6.62 -10.24
C1B HEM E . 13.80 2.60 -17.66
C2B HEM E . 13.99 1.46 -18.54
C3B HEM E . 14.65 1.97 -19.59
C4B HEM E . 15.10 3.31 -19.29
CMB HEM E . 13.35 0.05 -18.52
CAB HEM E . 15.25 1.32 -20.86
CBB HEM E . 15.48 -0.01 -20.89
C1C HEM E . 15.90 5.49 -20.15
C2C HEM E . 16.59 6.30 -21.14
C3C HEM E . 16.52 7.50 -20.56
C4C HEM E . 15.84 7.48 -19.25
CMC HEM E . 17.28 6.02 -22.52
CAC HEM E . 17.19 8.72 -21.23
CBC HEM E . 15.99 9.30 -21.34
C1D HEM E . 15.01 8.50 -17.17
C2D HEM E . 14.71 9.69 -16.40
C3D HEM E . 14.13 9.20 -15.10
C4D HEM E . 14.19 7.77 -15.23
CMD HEM E . 14.89 11.15 -16.88
CAD HEM E . 13.54 9.96 -13.89
CBD HEM E . 12.13 10.30 -14.40
CGD HEM E . 11.28 11.11 -13.44
O1D HEM E . 10.16 11.68 -13.77
O2D HEM E . 11.73 11.23 -12.26
NA HEM E . 13.60 4.97 -15.71
NB HEM E . 14.49 3.69 -18.12
NC HEM E . 15.58 6.17 -18.97
ND HEM E . 14.73 7.41 -16.44
FE HEM E . 14.64 5.56 -17.30
CHA HEM F . 8.49 17.19 -15.85
CHB HEM F . 12.14 16.37 -18.70
CHC HEM F . 10.80 19.81 -21.70
CHD HEM F . 6.67 20.17 -19.21
C1A HEM F . 9.64 16.57 -16.30
C2A HEM F . 10.40 15.49 -15.67
C3A HEM F . 11.42 15.28 -16.50
C4A HEM F . 11.29 16.21 -17.63
CMA HEM F . 12.56 14.27 -16.30
CAA HEM F . 10.17 14.83 -14.28
CBA HEM F . 11.03 15.76 -13.39
CGA HEM F . 10.75 15.38 -11.96
O1A HEM F . 9.88 15.93 -11.24
O2A HEM F . 11.43 14.38 -11.68
C1B HEM F . 12.21 17.33 -19.69
C2B HEM F . 13.33 17.53 -20.59
C3B HEM F . 12.90 18.55 -21.37
C4B HEM F . 11.56 18.93 -20.99
CMB HEM F . 14.62 16.68 -20.54
CAB HEM F . 13.43 19.28 -22.62
CBB HEM F . 14.16 18.52 -23.46
C1C HEM F . 9.55 20.18 -21.26
C2C HEM F . 8.66 21.03 -22.03
C3C HEM F . 7.53 21.22 -21.35
C4C HEM F . 7.59 20.33 -20.21
CMC HEM F . 9.14 21.72 -23.35
CAC HEM F . 6.32 22.11 -21.71
CBC HEM F . 5.70 21.89 -22.89
C1D HEM F . 6.77 19.36 -18.09
C2D HEM F . 5.77 19.40 -17.01
C3D HEM F . 6.36 18.47 -15.98
C4D HEM F . 7.61 17.98 -16.56
CMD HEM F . 4.41 20.16 -16.82
CAD HEM F . 5.62 18.22 -14.64
CBD HEM F . 4.97 16.85 -14.64
CGD HEM F . 4.37 16.59 -13.26
O1D HEM F . 4.29 15.37 -12.92
O2D HEM F . 3.88 17.56 -12.59
NA HEM F . 10.15 16.95 -17.53
NB HEM F . 11.12 18.13 -19.95
NC HEM F . 8.79 19.66 -20.23
ND HEM F . 7.85 18.54 -17.82
FE HEM F . 9.47 18.35 -18.85
FE FE G . 10.15 22.27 -16.91
C1 AXO H . 11.40 19.70 -16.79
C2 AXO H . 12.44 18.75 -16.32
N AXO H . 10.48 19.31 -17.50
O1 AXO H . 9.82 20.42 -17.63
O10 10M I . -13.86 18.55 -14.18
C22 10M I . -14.17 17.18 -13.88
C21 10M I . -14.96 17.07 -12.53
O9 10M I . -16.36 16.90 -12.76
C14 10M I . -14.54 15.93 -11.56
O3 10M I . -14.62 16.39 -10.14
C15 10M I . -16.04 16.41 -9.66
C20 10M I . -16.33 17.40 -8.49
O8 10M I . -15.30 18.40 -8.38
C19 10M I . -16.55 16.75 -7.08
O7 10M I . -17.95 16.80 -6.75
C18 10M I . -16.00 15.30 -6.88
O6 10M I . -14.69 15.33 -6.27
C16 10M I . -15.92 14.46 -8.19
C17 10M I . -16.46 13.03 -7.98
O5 10M I . -15.97 12.22 -9.05
O4 10M I . -16.58 15.08 -9.37
C12 10M I . -13.22 15.18 -11.88
C13 10M I . -13.34 13.75 -11.35
O2 10M I . -14.34 12.99 -12.07
O1 10M I . -12.96 15.07 -13.32
C11 10M I . -12.84 16.40 -13.92
S 10M I . -12.29 16.28 -15.67
C10 10M I . -10.46 16.17 -15.48
C9 10M I . -9.67 16.49 -16.76
C8 10M I . -8.22 16.00 -16.65
C7 10M I . -8.06 14.56 -17.12
C6 10M I . -6.88 14.50 -18.10
C5 10M I . -5.87 13.39 -17.77
C4 10M I . -5.60 12.48 -19.00
C3 10M I . -4.23 12.72 -19.70
C2 10M I . -4.25 13.70 -20.91
C1 10M I . -3.38 13.18 -22.07
CA CA J . 10.74 12.50 -10.44
O10 10M K . -6.40 24.66 -7.42
C22 10M K . -7.46 24.14 -8.27
C21 10M K . -8.29 23.14 -7.50
O9 10M K . -8.73 23.80 -6.31
C14 10M K . -9.48 22.65 -8.32
O3 10M K . -10.00 21.66 -7.48
C15 10M K . -11.40 21.77 -7.17
C20 10M K . -11.47 21.75 -5.65
O8 10M K . -10.76 22.86 -5.15
C19 10M K . -10.87 20.44 -5.09
O7 10M K . -10.88 20.42 -3.66
C18 10M K . -11.58 19.22 -5.69
O6 10M K . -10.82 18.06 -5.34
C16 10M K . -11.59 19.33 -7.21
C17 10M K . -12.31 18.13 -7.85
O5 10M K . -12.84 18.56 -9.11
O4 10M K . -12.13 20.62 -7.68
C12 10M K . -8.95 21.95 -9.55
C13 10M K . -10.11 21.44 -10.45
O2 10M K . -9.55 20.98 -11.70
O1 10M K . -8.05 22.81 -10.33
C11 10M K . -6.95 23.51 -9.58
S 10M K . -6.12 24.76 -10.66
C10 10M K . -7.45 26.04 -10.77
C9 10M K . -7.57 26.71 -12.14
C8 10M K . -6.51 27.80 -12.30
C7 10M K . -5.78 27.58 -13.62
C6 10M K . -5.23 28.87 -14.17
C5 10M K . -4.48 28.67 -15.47
C4 10M K . -5.35 28.03 -16.58
C3 10M K . -4.56 28.07 -17.90
C2 10M K . -5.36 27.45 -19.02
C1 10M K . -4.63 27.78 -20.31
FE HEC L . 7.97 3.65 1.95
CHA HEC L . 4.79 2.41 1.95
CHB HEC L . 7.14 5.75 4.50
CHC HEC L . 11.14 4.84 2.03
CHD HEC L . 8.76 1.66 -0.67
NA HEC L . 6.37 3.95 2.99
C1A HEC L . 5.10 3.42 2.81
C2A HEC L . 4.12 4.08 3.66
C3A HEC L . 4.78 5.00 4.38
C4A HEC L . 6.18 4.94 3.98
CMA HEC L . 4.20 6.00 5.45
CAA HEC L . 2.59 3.77 3.73
CBA HEC L . 1.88 4.57 2.63
CGA HEC L . 0.40 4.35 2.58
O1A HEC L . -0.20 3.58 3.42
O2A HEC L . -0.19 5.00 1.71
NB HEC L . 8.95 5.00 3.04
C1B HEC L . 8.42 5.79 4.05
C2B HEC L . 9.44 6.64 4.60
C3B HEC L . 10.55 6.40 3.91
C4B HEC L . 10.27 5.37 2.95
CMB HEC L . 9.15 7.65 5.72
CAB HEC L . 11.97 7.04 4.08
CBB HEC L . 12.58 6.60 5.43
NC HEC L . 9.57 3.32 0.92
C1C HEC L . 10.81 3.92 1.08
C2C HEC L . 11.74 3.39 0.09
C3C HEC L . 11.11 2.50 -0.68
C4C HEC L . 9.73 2.45 -0.16
CMC HEC L . 13.23 3.83 -0.06
CAC HEC L . 11.64 1.67 -1.90
CBC HEC L . 12.86 0.75 -1.82
ND HEC L . 6.94 2.27 0.85
C1D HEC L . 7.48 1.56 -0.20
C2D HEC L . 6.51 0.68 -0.77
C3D HEC L . 5.26 0.93 0.06
C4D HEC L . 5.64 1.90 1.02
CMD HEC L . 6.69 -0.29 -1.97
CAD HEC L . 3.90 0.22 -0.11
CBD HEC L . 3.89 -0.85 0.98
CGD HEC L . 2.72 -1.80 0.84
O1D HEC L . 2.93 -3.03 0.85
O2D HEC L . 1.55 -1.36 0.72
#